data_8R45
#
_entry.id   8R45
#
_cell.length_a   55.542
_cell.length_b   112.526
_cell.length_c   68.370
_cell.angle_alpha   90.000
_cell.angle_beta   92.078
_cell.angle_gamma   90.000
#
_symmetry.space_group_name_H-M   'P 1 21 1'
#
loop_
_entity.id
_entity.type
_entity.pdbx_description
1 polymer 'Phytochrome A-2'
2 non-polymer '3-[5-[[(3~{R},4~{R})-3-ethyl-4-methyl-5-oxidanylidene-3,4-dihydropyrrol-2-yl]methyl]-2-[[5-[(4-ethyl-3-methyl-5-oxidanylidene-pyrrol-2-yl)methyl]-3-(3-hydroxy-3-oxopropyl)-4-methyl-1~{H}-pyrrol-2-yl]methyl]-4-methyl-1~{H}-pyrrol-3-yl]propanoic acid'
3 non-polymer 'TETRAETHYLENE GLYCOL'
4 water water
#
_entity_poly.entity_id   1
_entity_poly.type   'polypeptide(L)'
_entity_poly.pdbx_seq_one_letter_code
;MISGTADGVNQPRHDKVTTAYLHHMQKGKMIQPFGCLLALDEKTCKVIAYSENAPEMLTMVSHAVPSVGDHPALGIGTDI
KTLFTAPSASALQKALGFAEVLLLNPVLIHCKTSGKPFYAIIHRVTGSMIIDFEPVKPYEVPMTAAGALQSYKLAAKAIT
RLQSLPSGSMERLCDTMVQEVFELTGYDRVMAYKFHEDDHGEVIAEITKPGLEPYLGLHYPATDIPQASRFLFMKNKVRM
IVDCHAKHVRVLQDEKLPFDLTLCGSTLRAPHSCHAQYMANMDSIASLVMAVVVNDNEEDGDTDAIQPQKRKRLWGLVVC
HNTTPRFVPFPLRYACEFLAQVFAIHVNKEIELHHHHHH
;
_entity_poly.pdbx_strand_id   A,B
#
loop_
_chem_comp.id
_chem_comp.type
_chem_comp.name
_chem_comp.formula
O6E non-polymer '3-[5-[[(3~{R},4~{R})-3-ethyl-4-methyl-5-oxidanylidene-3,4-dihydropyrrol-2-yl]methyl]-2-[[5-[(4-ethyl-3-methyl-5-oxidanylidene-pyrrol-2-yl)methyl]-3-(3-hydroxy-3-oxopropyl)-4-methyl-1~{H}-pyrrol-2-yl]methyl]-4-methyl-1~{H}-pyrrol-3-yl]propanoic acid' 'C33 H38 N4 O6'
PG4 non-polymer 'TETRAETHYLENE GLYCOL' 'C8 H18 O5'
#
# COMPACT_ATOMS: atom_id res chain seq x y z
N THR A 18 -1.00 41.61 4.24
CA THR A 18 -0.22 40.33 4.23
C THR A 18 -1.18 39.18 3.95
N THR A 19 -2.01 38.86 4.97
CA THR A 19 -2.81 37.65 5.02
C THR A 19 -4.28 37.95 4.71
N ALA A 20 -4.51 38.79 3.69
CA ALA A 20 -5.74 38.72 2.91
C ALA A 20 -5.65 37.50 1.99
N TYR A 21 -4.41 37.05 1.72
CA TYR A 21 -4.14 35.79 1.01
C TYR A 21 -4.73 34.59 1.76
N LEU A 22 -4.48 34.50 3.08
CA LEU A 22 -4.93 33.35 3.86
C LEU A 22 -6.47 33.33 3.93
N HIS A 23 -7.08 34.51 4.11
CA HIS A 23 -8.54 34.61 4.15
C HIS A 23 -9.14 33.85 2.96
N HIS A 24 -8.66 34.14 1.75
CA HIS A 24 -9.20 33.56 0.53
C HIS A 24 -8.82 32.07 0.40
N MET A 25 -7.69 31.64 1.00
CA MET A 25 -7.15 30.29 0.80
C MET A 25 -7.71 29.27 1.80
N GLN A 26 -8.60 29.71 2.70
CA GLN A 26 -9.26 28.82 3.65
C GLN A 26 -10.78 28.99 3.57
N LYS A 27 -11.20 30.27 3.61
CA LYS A 27 -12.59 30.71 3.58
C LYS A 27 -13.03 31.09 2.15
N GLY A 28 -12.33 30.59 1.12
CA GLY A 28 -12.64 30.91 -0.26
C GLY A 28 -13.87 30.13 -0.74
N LYS A 29 -14.03 28.92 -0.20
CA LYS A 29 -15.22 28.12 -0.41
C LYS A 29 -15.29 27.57 -1.84
N MET A 30 -14.16 27.45 -2.56
CA MET A 30 -14.19 26.92 -3.91
C MET A 30 -13.37 25.63 -3.98
N ILE A 31 -13.86 24.64 -4.74
CA ILE A 31 -13.12 23.41 -5.01
C ILE A 31 -12.97 23.21 -6.51
N GLN A 32 -12.00 22.36 -6.83
CA GLN A 32 -11.80 21.80 -8.15
C GLN A 32 -12.91 20.82 -8.45
N PRO A 33 -13.44 20.80 -9.69
CA PRO A 33 -14.59 19.93 -10.01
C PRO A 33 -14.26 18.45 -10.23
N PHE A 34 -12.98 18.00 -10.10
CA PHE A 34 -12.67 16.58 -10.32
C PHE A 34 -13.26 15.69 -9.21
N GLY A 35 -13.58 16.30 -8.08
CA GLY A 35 -14.25 15.58 -7.00
C GLY A 35 -15.34 16.44 -6.34
N CYS A 36 -15.89 15.94 -5.23
CA CYS A 36 -16.88 16.70 -4.47
C CYS A 36 -16.60 16.56 -2.99
N LEU A 37 -17.26 17.42 -2.18
CA LEU A 37 -16.99 17.53 -0.77
C LEU A 37 -18.29 17.55 0.04
N LEU A 38 -18.28 16.78 1.13
CA LEU A 38 -19.25 16.93 2.20
C LEU A 38 -18.52 17.25 3.49
N ALA A 39 -19.15 18.05 4.34
CA ALA A 39 -18.75 18.23 5.71
C ALA A 39 -19.89 17.78 6.56
N LEU A 40 -19.56 16.97 7.56
CA LEU A 40 -20.56 16.38 8.43
C LEU A 40 -20.41 16.94 9.83
N ASP A 41 -21.52 17.06 10.57
CA ASP A 41 -21.44 17.57 11.93
C ASP A 41 -20.75 16.54 12.83
N GLU A 42 -19.88 17.03 13.71
CA GLU A 42 -19.03 16.16 14.52
C GLU A 42 -19.85 15.32 15.50
N LYS A 43 -21.09 15.75 15.83
CA LYS A 43 -21.96 14.96 16.69
C LYS A 43 -23.06 14.24 15.94
N THR A 44 -23.81 14.90 15.04
CA THR A 44 -24.95 14.23 14.42
C THR A 44 -24.57 13.43 13.18
N CYS A 45 -23.38 13.68 12.60
CA CYS A 45 -22.94 13.01 11.40
C CYS A 45 -23.75 13.48 10.18
N LYS A 46 -24.54 14.54 10.32
CA LYS A 46 -25.39 14.98 9.20
C LYS A 46 -24.66 16.03 8.36
N VAL A 47 -25.07 16.23 7.11
CA VAL A 47 -24.39 17.18 6.24
C VAL A 47 -24.63 18.62 6.74
N ILE A 48 -23.52 19.34 6.96
CA ILE A 48 -23.57 20.76 7.28
C ILE A 48 -23.01 21.63 6.17
N ALA A 49 -22.35 21.01 5.17
CA ALA A 49 -21.84 21.74 4.04
C ALA A 49 -21.61 20.77 2.89
N TYR A 50 -21.74 21.24 1.65
CA TYR A 50 -21.54 20.36 0.51
C TYR A 50 -21.14 21.19 -0.70
N SER A 51 -20.31 20.63 -1.56
CA SER A 51 -19.98 21.33 -2.80
C SER A 51 -21.19 21.23 -3.72
N GLU A 52 -21.39 22.25 -4.57
CA GLU A 52 -22.58 22.36 -5.42
C GLU A 52 -22.68 21.23 -6.42
N ASN A 53 -21.56 20.59 -6.74
CA ASN A 53 -21.58 19.44 -7.63
C ASN A 53 -21.85 18.13 -6.89
N ALA A 54 -21.89 18.13 -5.56
CA ALA A 54 -22.09 16.87 -4.82
C ALA A 54 -23.45 16.23 -5.11
N PRO A 55 -24.59 16.93 -5.20
CA PRO A 55 -25.83 16.24 -5.60
C PRO A 55 -25.71 15.41 -6.90
N GLU A 56 -25.17 16.01 -7.98
CA GLU A 56 -25.11 15.31 -9.26
C GLU A 56 -24.04 14.23 -9.22
N MET A 57 -22.92 14.44 -8.52
CA MET A 57 -21.86 13.44 -8.43
C MET A 57 -22.27 12.22 -7.58
N LEU A 58 -22.98 12.44 -6.46
CA LEU A 58 -23.23 11.37 -5.49
C LEU A 58 -24.64 10.77 -5.60
N THR A 59 -25.61 11.47 -6.21
CA THR A 59 -26.99 10.97 -6.32
C THR A 59 -27.40 10.85 -7.80
N MET A 60 -28.56 10.24 -8.05
CA MET A 60 -29.01 10.06 -9.43
C MET A 60 -29.97 11.19 -9.78
N VAL A 61 -30.96 11.40 -8.89
CA VAL A 61 -31.62 12.69 -8.73
C VAL A 61 -30.67 13.77 -9.27
N HIS A 71 -36.63 19.27 0.32
CA HIS A 71 -35.39 18.49 0.63
C HIS A 71 -35.06 17.61 -0.58
N PRO A 72 -34.22 18.06 -1.54
CA PRO A 72 -33.55 17.17 -2.50
C PRO A 72 -32.96 15.90 -1.90
N ALA A 73 -32.33 15.08 -2.73
CA ALA A 73 -31.64 13.91 -2.22
C ALA A 73 -30.43 14.35 -1.38
N LEU A 74 -29.90 15.56 -1.62
CA LEU A 74 -28.71 15.98 -0.90
C LEU A 74 -28.74 17.47 -0.60
N GLY A 75 -28.72 17.78 0.69
CA GLY A 75 -28.57 19.17 1.11
C GLY A 75 -28.22 19.23 2.59
N ILE A 76 -28.38 20.42 3.16
CA ILE A 76 -28.12 20.58 4.58
C ILE A 76 -29.02 19.63 5.35
N GLY A 77 -28.45 18.86 6.28
CA GLY A 77 -29.25 17.96 7.11
C GLY A 77 -29.39 16.55 6.53
N THR A 78 -28.91 16.31 5.32
CA THR A 78 -28.99 14.96 4.76
C THR A 78 -28.24 13.95 5.66
N ASP A 79 -28.84 12.79 5.86
CA ASP A 79 -28.24 11.68 6.58
C ASP A 79 -27.45 10.82 5.59
N ILE A 80 -26.17 10.54 5.89
CA ILE A 80 -25.35 9.82 4.94
C ILE A 80 -25.81 8.37 4.75
N LYS A 81 -26.65 7.83 5.68
CA LYS A 81 -27.21 6.50 5.44
C LYS A 81 -28.09 6.47 4.19
N THR A 82 -28.63 7.62 3.76
CA THR A 82 -29.42 7.70 2.53
C THR A 82 -28.56 7.85 1.27
N LEU A 83 -27.26 8.13 1.40
CA LEU A 83 -26.43 8.43 0.24
C LEU A 83 -25.64 7.21 -0.21
N PHE A 84 -25.17 6.40 0.74
CA PHE A 84 -24.17 5.39 0.48
C PHE A 84 -24.67 4.02 0.93
N THR A 85 -24.08 2.98 0.38
CA THR A 85 -24.35 1.62 0.82
C THR A 85 -23.96 1.47 2.29
N ALA A 86 -24.47 0.41 2.94
CA ALA A 86 -24.32 0.27 4.38
C ALA A 86 -22.89 0.08 4.81
N PRO A 87 -22.04 -0.76 4.18
CA PRO A 87 -20.65 -0.80 4.61
C PRO A 87 -19.96 0.55 4.46
N SER A 88 -20.33 1.33 3.43
CA SER A 88 -19.75 2.63 3.14
C SER A 88 -20.15 3.65 4.21
N ALA A 89 -21.45 3.78 4.48
CA ALA A 89 -21.96 4.71 5.49
C ALA A 89 -21.45 4.35 6.88
N SER A 90 -21.39 3.04 7.13
CA SER A 90 -20.89 2.48 8.38
C SER A 90 -19.46 2.91 8.61
N ALA A 91 -18.63 2.77 7.58
CA ALA A 91 -17.24 3.18 7.71
C ALA A 91 -17.09 4.67 7.98
N LEU A 92 -17.96 5.50 7.38
CA LEU A 92 -17.86 6.94 7.62
C LEU A 92 -18.37 7.26 9.04
N GLN A 93 -19.46 6.61 9.47
CA GLN A 93 -19.94 6.82 10.83
C GLN A 93 -18.83 6.46 11.82
N LYS A 94 -18.12 5.37 11.60
CA LYS A 94 -17.09 4.97 12.54
C LYS A 94 -15.95 6.00 12.53
N ALA A 95 -15.67 6.59 11.38
CA ALA A 95 -14.58 7.56 11.32
C ALA A 95 -14.94 8.77 12.17
N LEU A 96 -16.23 9.09 12.27
CA LEU A 96 -16.65 10.20 13.11
C LEU A 96 -16.16 10.01 14.55
N GLY A 97 -15.86 8.76 14.98
CA GLY A 97 -15.33 8.43 16.31
C GLY A 97 -13.80 8.48 16.44
N PHE A 98 -13.05 8.58 15.33
CA PHE A 98 -11.59 8.54 15.34
C PHE A 98 -10.96 9.94 15.31
N ALA A 99 -10.03 10.14 16.28
CA ALA A 99 -9.03 11.20 16.23
C ALA A 99 -8.34 11.29 14.85
N GLU A 100 -7.95 12.52 14.50
CA GLU A 100 -7.31 12.87 13.24
C GLU A 100 -6.15 11.93 12.88
N VAL A 101 -5.19 11.77 13.79
CA VAL A 101 -3.97 11.02 13.50
C VAL A 101 -4.28 9.52 13.34
N LEU A 102 -5.44 9.10 13.84
CA LEU A 102 -5.87 7.71 13.79
C LEU A 102 -6.67 7.44 12.50
N LEU A 103 -6.89 8.45 11.63
CA LEU A 103 -7.67 8.23 10.41
C LEU A 103 -6.77 7.55 9.39
N LEU A 104 -7.19 6.36 8.92
CA LEU A 104 -6.50 5.72 7.83
C LEU A 104 -7.28 5.99 6.53
N ASN A 105 -6.63 6.68 5.60
CA ASN A 105 -7.27 7.06 4.34
C ASN A 105 -6.71 6.21 3.21
N PRO A 106 -7.39 6.10 2.04
CA PRO A 106 -8.76 6.57 1.82
C PRO A 106 -9.78 5.47 2.16
N VAL A 107 -11.05 5.83 2.35
CA VAL A 107 -12.12 4.85 2.49
C VAL A 107 -12.73 4.60 1.11
N LEU A 108 -13.03 3.36 0.73
CA LEU A 108 -13.68 3.11 -0.55
C LEU A 108 -15.16 3.12 -0.28
N ILE A 109 -15.87 4.05 -0.93
CA ILE A 109 -17.30 4.23 -0.68
C ILE A 109 -18.07 4.02 -1.98
N HIS A 110 -19.28 3.50 -1.86
CA HIS A 110 -20.21 3.31 -2.97
C HIS A 110 -21.51 4.04 -2.69
N CYS A 111 -22.00 4.73 -3.72
CA CYS A 111 -23.30 5.37 -3.65
C CYS A 111 -24.42 4.34 -3.69
N LYS A 112 -25.46 4.63 -2.95
CA LYS A 112 -26.63 3.78 -2.86
C LYS A 112 -27.30 3.67 -4.24
N THR A 113 -27.68 2.44 -4.58
CA THR A 113 -28.43 2.09 -5.80
C THR A 113 -27.48 1.91 -7.00
N SER A 114 -26.82 3.00 -7.41
CA SER A 114 -25.82 2.99 -8.50
C SER A 114 -24.56 2.16 -8.20
N GLY A 115 -24.18 2.11 -6.92
CA GLY A 115 -22.90 1.55 -6.54
C GLY A 115 -21.74 2.42 -7.01
N LYS A 116 -22.00 3.66 -7.45
CA LYS A 116 -20.93 4.48 -7.99
C LYS A 116 -19.83 4.71 -6.93
N PRO A 117 -18.58 4.35 -7.26
CA PRO A 117 -17.51 4.35 -6.27
C PRO A 117 -16.64 5.60 -6.24
N PHE A 118 -16.16 5.92 -5.04
CA PHE A 118 -15.27 7.03 -4.75
C PHE A 118 -14.28 6.60 -3.69
N TYR A 119 -13.08 7.18 -3.76
CA TYR A 119 -12.23 7.28 -2.58
C TYR A 119 -12.65 8.49 -1.74
N ALA A 120 -12.85 8.23 -0.46
CA ALA A 120 -13.20 9.25 0.51
C ALA A 120 -11.97 9.50 1.35
N ILE A 121 -11.51 10.75 1.35
CA ILE A 121 -10.36 11.13 2.12
C ILE A 121 -10.85 12.07 3.22
N ILE A 122 -10.65 11.68 4.47
CA ILE A 122 -11.27 12.31 5.62
C ILE A 122 -10.23 13.12 6.40
N HIS A 123 -10.62 14.33 6.82
CA HIS A 123 -9.83 15.07 7.80
C HIS A 123 -10.81 15.82 8.73
N ARG A 124 -10.32 16.35 9.84
CA ARG A 124 -11.17 16.99 10.85
C ARG A 124 -10.84 18.47 10.92
N VAL A 125 -11.85 19.32 11.05
CA VAL A 125 -11.64 20.68 11.55
C VAL A 125 -12.51 20.84 12.79
N THR A 126 -12.26 21.91 13.53
CA THR A 126 -13.09 22.26 14.66
C THR A 126 -14.54 22.22 14.22
N GLY A 127 -15.33 21.38 14.84
CA GLY A 127 -16.77 21.33 14.58
C GLY A 127 -17.19 20.28 13.54
N SER A 128 -16.25 19.70 12.79
CA SER A 128 -16.66 18.97 11.60
C SER A 128 -15.67 17.89 11.16
N MET A 129 -16.22 16.88 10.48
CA MET A 129 -15.45 15.92 9.68
C MET A 129 -15.70 16.23 8.20
N ILE A 130 -14.62 16.59 7.49
CA ILE A 130 -14.66 16.92 6.09
C ILE A 130 -14.23 15.70 5.28
N ILE A 131 -15.03 15.43 4.24
CA ILE A 131 -14.76 14.28 3.37
C ILE A 131 -14.62 14.79 1.96
N ASP A 132 -13.43 14.54 1.39
CA ASP A 132 -13.22 14.74 -0.03
C ASP A 132 -13.53 13.44 -0.79
N PHE A 133 -14.34 13.55 -1.85
CA PHE A 133 -14.71 12.36 -2.63
C PHE A 133 -14.12 12.46 -4.03
N GLU A 134 -13.26 11.47 -4.33
CA GLU A 134 -12.57 11.40 -5.62
C GLU A 134 -13.04 10.16 -6.38
N PRO A 135 -13.59 10.30 -7.60
CA PRO A 135 -14.19 9.16 -8.28
C PRO A 135 -13.17 8.09 -8.63
N VAL A 136 -13.67 6.85 -8.63
CA VAL A 136 -12.92 5.67 -9.02
C VAL A 136 -13.66 4.98 -10.17
N LYS A 137 -12.92 4.43 -11.11
CA LYS A 137 -13.56 3.77 -12.24
C LYS A 137 -14.18 2.46 -11.73
N PRO A 138 -15.49 2.21 -11.91
CA PRO A 138 -16.10 1.04 -11.28
C PRO A 138 -15.41 -0.29 -11.52
N TYR A 139 -14.95 -0.53 -12.75
CA TYR A 139 -14.34 -1.85 -13.01
C TYR A 139 -12.92 -1.91 -12.39
N GLU A 140 -12.39 -0.81 -11.86
CA GLU A 140 -11.12 -0.85 -11.15
C GLU A 140 -11.29 -1.11 -9.64
N VAL A 141 -12.51 -1.09 -9.14
CA VAL A 141 -12.75 -1.29 -7.72
C VAL A 141 -12.08 -2.60 -7.24
N PRO A 142 -12.15 -3.75 -7.91
CA PRO A 142 -11.47 -4.94 -7.42
C PRO A 142 -9.95 -4.79 -7.24
N MET A 143 -9.33 -3.83 -7.94
CA MET A 143 -7.90 -3.66 -7.89
CA MET A 143 -7.90 -3.62 -7.94
C MET A 143 -7.47 -2.55 -6.93
N THR A 144 -8.37 -2.05 -6.06
CA THR A 144 -7.98 -0.91 -5.22
C THR A 144 -6.83 -1.24 -4.27
N ALA A 145 -6.91 -2.33 -3.51
CA ALA A 145 -5.79 -2.71 -2.64
C ALA A 145 -4.52 -2.99 -3.43
N ALA A 146 -4.65 -3.71 -4.55
CA ALA A 146 -3.51 -4.06 -5.42
C ALA A 146 -2.78 -2.80 -5.86
N GLY A 147 -3.56 -1.80 -6.29
CA GLY A 147 -2.98 -0.56 -6.81
C GLY A 147 -2.32 0.29 -5.73
N ALA A 148 -2.89 0.24 -4.54
CA ALA A 148 -2.34 0.94 -3.40
C ALA A 148 -1.03 0.29 -2.97
N LEU A 149 -1.00 -1.03 -2.85
CA LEU A 149 0.26 -1.71 -2.56
C LEU A 149 1.32 -1.40 -3.62
N GLN A 150 0.98 -1.47 -4.91
CA GLN A 150 1.97 -1.20 -5.94
C GLN A 150 2.51 0.23 -5.85
N SER A 151 1.65 1.23 -5.57
CA SER A 151 2.11 2.60 -5.40
C SER A 151 3.12 2.70 -4.27
N TYR A 152 2.82 2.04 -3.13
CA TYR A 152 3.70 2.22 -1.99
C TYR A 152 4.97 1.41 -2.20
N LYS A 153 4.85 0.25 -2.85
CA LYS A 153 6.02 -0.55 -3.18
C LYS A 153 7.00 0.24 -4.05
N LEU A 154 6.49 0.88 -5.11
CA LEU A 154 7.34 1.69 -5.98
C LEU A 154 8.00 2.83 -5.20
N ALA A 155 7.27 3.49 -4.29
CA ALA A 155 7.81 4.55 -3.47
C ALA A 155 8.88 4.02 -2.53
N ALA A 156 8.60 2.85 -1.95
CA ALA A 156 9.51 2.24 -0.98
C ALA A 156 10.84 1.89 -1.65
N LYS A 157 10.78 1.38 -2.89
CA LYS A 157 11.97 1.12 -3.68
C LYS A 157 12.73 2.42 -3.98
N ALA A 158 12.02 3.48 -4.33
CA ALA A 158 12.63 4.78 -4.51
C ALA A 158 13.37 5.22 -3.24
N ILE A 159 12.73 5.04 -2.10
CA ILE A 159 13.34 5.35 -0.82
C ILE A 159 14.60 4.53 -0.60
N THR A 160 14.61 3.24 -0.96
CA THR A 160 15.86 2.50 -0.77
C THR A 160 16.97 3.05 -1.69
N ARG A 161 16.65 3.51 -2.91
CA ARG A 161 17.65 4.10 -3.77
C ARG A 161 18.13 5.46 -3.23
N LEU A 162 17.25 6.26 -2.63
CA LEU A 162 17.73 7.47 -1.98
C LEU A 162 18.68 7.13 -0.83
N GLN A 163 18.35 6.08 -0.08
CA GLN A 163 19.17 5.65 1.05
C GLN A 163 20.56 5.17 0.63
N SER A 164 20.70 4.46 -0.49
CA SER A 164 21.98 3.90 -0.84
C SER A 164 22.89 4.92 -1.50
N LEU A 165 22.37 6.12 -1.81
CA LEU A 165 23.22 7.14 -2.41
C LEU A 165 24.39 7.42 -1.48
N PRO A 166 25.63 7.50 -1.99
CA PRO A 166 26.73 8.07 -1.19
C PRO A 166 26.37 9.49 -0.72
N SER A 167 26.58 9.78 0.58
CA SER A 167 26.47 11.13 1.14
C SER A 167 27.43 12.10 0.44
N GLY A 168 27.21 13.41 0.66
CA GLY A 168 28.17 14.44 0.32
C GLY A 168 27.81 15.26 -0.91
N SER A 169 26.71 14.94 -1.61
CA SER A 169 26.32 15.68 -2.81
C SER A 169 24.82 15.96 -2.82
N MET A 170 24.46 17.22 -2.54
CA MET A 170 23.10 17.71 -2.61
C MET A 170 22.58 17.59 -4.04
N GLU A 171 23.46 17.82 -5.02
CA GLU A 171 23.11 17.78 -6.42
C GLU A 171 22.67 16.36 -6.77
N ARG A 172 23.43 15.36 -6.35
CA ARG A 172 23.12 13.99 -6.73
C ARG A 172 21.81 13.59 -6.05
N LEU A 173 21.61 14.07 -4.82
CA LEU A 173 20.44 13.73 -4.03
C LEU A 173 19.20 14.31 -4.72
N CYS A 174 19.29 15.58 -5.14
CA CYS A 174 18.13 16.25 -5.72
C CYS A 174 17.82 15.69 -7.11
N ASP A 175 18.87 15.40 -7.88
CA ASP A 175 18.69 14.80 -9.19
C ASP A 175 18.02 13.43 -9.06
N THR A 176 18.43 12.66 -8.05
CA THR A 176 17.88 11.33 -7.87
C THR A 176 16.40 11.46 -7.49
N MET A 177 16.09 12.38 -6.57
CA MET A 177 14.73 12.58 -6.14
C MET A 177 13.83 12.99 -7.32
N VAL A 178 14.24 13.92 -8.19
CA VAL A 178 13.33 14.35 -9.25
C VAL A 178 13.13 13.20 -10.23
N GLN A 179 14.16 12.36 -10.45
CA GLN A 179 14.04 11.22 -11.34
C GLN A 179 13.04 10.21 -10.78
N GLU A 180 13.13 9.95 -9.48
CA GLU A 180 12.21 9.01 -8.83
C GLU A 180 10.75 9.50 -8.90
N VAL A 181 10.55 10.78 -8.63
CA VAL A 181 9.22 11.36 -8.63
C VAL A 181 8.68 11.35 -10.05
N PHE A 182 9.53 11.67 -11.03
CA PHE A 182 9.15 11.64 -12.44
C PHE A 182 8.67 10.23 -12.80
N GLU A 183 9.42 9.19 -12.42
CA GLU A 183 9.02 7.83 -12.79
C GLU A 183 7.72 7.39 -12.06
N LEU A 184 7.60 7.74 -10.80
CA LEU A 184 6.43 7.37 -10.01
C LEU A 184 5.14 8.07 -10.49
N THR A 185 5.18 9.37 -10.85
CA THR A 185 3.99 10.19 -11.02
C THR A 185 3.61 10.38 -12.49
N GLY A 186 4.57 10.23 -13.42
CA GLY A 186 4.24 10.29 -14.84
C GLY A 186 3.94 11.70 -15.35
N TYR A 187 4.34 12.75 -14.62
CA TYR A 187 4.20 14.11 -15.09
C TYR A 187 5.30 14.44 -16.13
N ASP A 188 5.03 15.48 -16.92
CA ASP A 188 5.88 15.94 -18.03
C ASP A 188 7.19 16.52 -17.50
N ARG A 189 7.11 17.15 -16.32
CA ARG A 189 8.21 17.88 -15.72
C ARG A 189 8.22 17.71 -14.20
N VAL A 190 9.41 17.44 -13.64
CA VAL A 190 9.61 17.40 -12.21
C VAL A 190 10.86 18.21 -11.84
N MET A 191 10.66 19.13 -10.88
CA MET A 191 11.69 20.06 -10.45
C MET A 191 11.85 20.00 -8.93
N ALA A 192 13.09 20.24 -8.45
CA ALA A 192 13.34 20.61 -7.08
C ALA A 192 13.55 22.13 -7.01
N TYR A 193 12.72 22.77 -6.19
CA TYR A 193 12.63 24.21 -6.07
C TYR A 193 13.06 24.60 -4.66
N LYS A 194 14.22 25.24 -4.53
CA LYS A 194 14.83 25.44 -3.24
C LYS A 194 14.59 26.88 -2.80
N PHE A 195 14.29 27.08 -1.53
CA PHE A 195 14.05 28.43 -1.04
C PHE A 195 15.35 28.94 -0.45
N HIS A 196 15.75 30.13 -0.89
CA HIS A 196 16.97 30.74 -0.37
C HIS A 196 16.63 31.50 0.91
N GLU A 197 17.67 31.94 1.60
CA GLU A 197 17.52 32.67 2.86
C GLU A 197 16.57 33.85 2.71
N ASP A 198 16.55 34.50 1.55
CA ASP A 198 15.66 35.64 1.35
C ASP A 198 14.26 35.22 0.85
N ASP A 199 13.98 33.91 0.83
CA ASP A 199 12.71 33.38 0.40
C ASP A 199 12.55 33.34 -1.11
N HIS A 200 13.51 33.83 -1.90
CA HIS A 200 13.40 33.63 -3.35
C HIS A 200 13.74 32.17 -3.62
N GLY A 201 13.24 31.67 -4.75
CA GLY A 201 13.40 30.25 -5.05
C GLY A 201 14.36 30.03 -6.23
N GLU A 202 14.86 28.82 -6.34
CA GLU A 202 15.73 28.42 -7.41
C GLU A 202 15.40 26.98 -7.79
N VAL A 203 15.32 26.71 -9.09
CA VAL A 203 15.20 25.36 -9.62
C VAL A 203 16.56 24.73 -9.62
N ILE A 204 16.81 23.79 -8.70
CA ILE A 204 18.15 23.24 -8.55
C ILE A 204 18.26 21.83 -9.08
N ALA A 205 17.13 21.23 -9.49
CA ALA A 205 17.19 19.96 -10.19
C ALA A 205 15.95 19.81 -11.06
N GLU A 206 16.05 19.07 -12.16
CA GLU A 206 14.94 18.98 -13.11
C GLU A 206 15.08 17.77 -14.00
N ILE A 207 13.95 17.16 -14.33
CA ILE A 207 13.90 16.16 -15.39
C ILE A 207 12.59 16.39 -16.13
N THR A 208 12.62 16.25 -17.45
CA THR A 208 11.43 16.47 -18.26
C THR A 208 11.37 15.35 -19.28
N LYS A 209 10.18 15.18 -19.86
CA LYS A 209 10.04 14.44 -21.08
C LYS A 209 10.84 15.15 -22.17
N PRO A 210 11.31 14.40 -23.20
CA PRO A 210 12.19 14.96 -24.22
C PRO A 210 11.49 16.07 -24.98
N GLY A 211 12.19 17.17 -25.22
CA GLY A 211 11.63 18.20 -26.06
C GLY A 211 11.12 19.41 -25.29
N LEU A 212 10.84 19.28 -23.98
CA LEU A 212 10.37 20.43 -23.23
C LEU A 212 11.53 21.37 -22.96
N GLU A 213 11.24 22.67 -22.90
CA GLU A 213 12.25 23.64 -22.53
C GLU A 213 12.59 23.46 -21.06
N PRO A 214 13.86 23.46 -20.64
CA PRO A 214 14.18 23.40 -19.22
C PRO A 214 13.91 24.69 -18.46
N TYR A 215 13.67 24.56 -17.13
CA TYR A 215 13.68 25.68 -16.23
C TYR A 215 14.87 25.58 -15.28
N LEU A 216 15.67 24.49 -15.35
CA LEU A 216 16.81 24.32 -14.48
C LEU A 216 17.69 25.57 -14.36
N GLY A 217 18.06 25.92 -13.13
CA GLY A 217 18.94 27.05 -12.86
C GLY A 217 18.20 28.35 -12.56
N LEU A 218 16.95 28.48 -13.00
CA LEU A 218 16.29 29.77 -12.93
C LEU A 218 15.93 30.13 -11.49
N HIS A 219 16.13 31.42 -11.19
CA HIS A 219 15.77 32.01 -9.90
C HIS A 219 14.47 32.80 -10.08
N TYR A 220 13.60 32.77 -9.06
CA TYR A 220 12.30 33.43 -9.11
C TYR A 220 12.09 34.20 -7.81
N PRO A 221 11.37 35.34 -7.86
CA PRO A 221 11.18 36.17 -6.69
C PRO A 221 10.33 35.50 -5.62
N ALA A 222 10.60 35.89 -4.39
CA ALA A 222 9.86 35.42 -3.21
C ALA A 222 8.36 35.55 -3.42
N THR A 223 7.92 36.61 -4.13
CA THR A 223 6.51 36.90 -4.24
C THR A 223 5.77 35.92 -5.14
N ASP A 224 6.47 35.14 -5.99
CA ASP A 224 5.76 34.15 -6.80
C ASP A 224 5.11 33.11 -5.89
N ILE A 225 5.72 32.84 -4.74
CA ILE A 225 5.11 31.90 -3.80
C ILE A 225 4.92 32.61 -2.48
N PRO A 226 3.72 33.22 -2.26
CA PRO A 226 3.43 33.96 -1.03
C PRO A 226 3.59 33.16 0.26
N GLN A 227 3.83 33.91 1.34
CA GLN A 227 3.98 33.37 2.70
C GLN A 227 2.80 32.43 3.04
N ALA A 228 1.59 32.84 2.69
CA ALA A 228 0.41 32.06 3.03
C ALA A 228 0.52 30.68 2.40
N SER A 229 0.99 30.60 1.16
CA SER A 229 1.15 29.32 0.49
C SER A 229 2.27 28.53 1.14
N ARG A 230 3.42 29.17 1.43
CA ARG A 230 4.51 28.50 2.13
C ARG A 230 4.05 28.00 3.50
N PHE A 231 3.29 28.82 4.22
CA PHE A 231 2.82 28.45 5.55
C PHE A 231 1.87 27.25 5.46
N LEU A 232 0.99 27.24 4.45
CA LEU A 232 0.08 26.13 4.29
C LEU A 232 0.86 24.86 4.02
N PHE A 233 1.94 24.93 3.21
CA PHE A 233 2.71 23.73 2.88
C PHE A 233 3.29 23.07 4.13
N MET A 234 3.42 23.82 5.25
CA MET A 234 3.92 23.20 6.47
C MET A 234 2.96 22.09 6.95
N LYS A 235 1.65 22.21 6.65
CA LYS A 235 0.62 21.30 7.20
C LYS A 235 -0.01 20.46 6.10
N ASN A 236 -0.29 21.05 4.94
CA ASN A 236 -0.75 20.33 3.78
C ASN A 236 0.41 20.02 2.84
N LYS A 237 0.88 18.78 2.88
CA LYS A 237 2.20 18.42 2.37
C LYS A 237 2.18 17.99 0.90
N VAL A 238 1.02 17.55 0.40
CA VAL A 238 0.91 17.26 -1.02
C VAL A 238 -0.30 17.99 -1.57
N ARG A 239 -0.14 18.74 -2.66
CA ARG A 239 -1.22 19.47 -3.26
C ARG A 239 -1.30 19.17 -4.76
N MET A 240 -2.49 18.80 -5.24
CA MET A 240 -2.73 18.49 -6.64
C MET A 240 -3.72 19.47 -7.25
N ILE A 241 -3.36 19.96 -8.44
CA ILE A 241 -4.26 20.71 -9.29
C ILE A 241 -4.38 19.96 -10.62
N VAL A 242 -5.60 19.54 -10.96
CA VAL A 242 -5.83 18.64 -12.07
C VAL A 242 -5.87 19.43 -13.39
N ASP A 243 -6.48 20.61 -13.37
CA ASP A 243 -6.64 21.42 -14.57
C ASP A 243 -6.85 22.88 -14.19
N CYS A 244 -5.84 23.72 -14.47
CA CYS A 244 -5.85 25.11 -14.05
C CYS A 244 -7.03 25.84 -14.71
N HIS A 245 -7.57 25.30 -15.82
CA HIS A 245 -8.67 25.96 -16.53
C HIS A 245 -10.04 25.46 -16.06
N ALA A 246 -10.11 24.48 -15.16
CA ALA A 246 -11.40 23.88 -14.86
C ALA A 246 -12.22 24.89 -14.07
N LYS A 247 -13.55 24.85 -14.24
CA LYS A 247 -14.42 25.78 -13.56
C LYS A 247 -14.62 25.30 -12.12
N HIS A 248 -14.28 26.16 -11.17
CA HIS A 248 -14.36 25.88 -9.75
C HIS A 248 -15.84 25.83 -9.31
N VAL A 249 -16.06 25.10 -8.24
CA VAL A 249 -17.36 24.77 -7.69
C VAL A 249 -17.41 25.33 -6.27
N ARG A 250 -18.54 25.95 -5.92
CA ARG A 250 -18.70 26.53 -4.60
C ARG A 250 -19.07 25.46 -3.57
N VAL A 251 -18.62 25.67 -2.35
CA VAL A 251 -19.06 24.88 -1.20
C VAL A 251 -20.08 25.70 -0.43
N LEU A 252 -21.30 25.18 -0.28
CA LEU A 252 -22.39 25.82 0.45
C LEU A 252 -22.44 25.24 1.85
N GLN A 253 -22.62 26.11 2.86
CA GLN A 253 -22.74 25.68 4.24
C GLN A 253 -23.97 26.36 4.84
N ASP A 254 -24.54 25.74 5.87
CA ASP A 254 -25.63 26.36 6.61
C ASP A 254 -25.09 27.69 7.13
N GLU A 255 -25.80 28.78 6.87
CA GLU A 255 -25.35 30.10 7.31
C GLU A 255 -25.38 30.26 8.84
N LYS A 256 -26.06 29.35 9.53
CA LYS A 256 -26.18 29.38 10.99
C LYS A 256 -25.13 28.49 11.66
N LEU A 257 -24.35 27.77 10.86
CA LEU A 257 -23.25 27.00 11.39
C LEU A 257 -22.42 27.95 12.25
N PRO A 258 -22.18 27.60 13.52
CA PRO A 258 -21.56 28.53 14.46
C PRO A 258 -20.09 28.81 14.26
N PHE A 259 -19.49 28.21 13.24
CA PHE A 259 -18.12 28.53 12.87
C PHE A 259 -18.05 28.57 11.35
N ASP A 260 -16.96 29.14 10.83
CA ASP A 260 -16.73 29.04 9.40
C ASP A 260 -15.94 27.74 9.17
N LEU A 261 -16.36 26.98 8.17
CA LEU A 261 -15.64 25.81 7.68
C LEU A 261 -14.43 26.25 6.85
N THR A 262 -13.24 25.82 7.24
CA THR A 262 -12.07 26.00 6.38
C THR A 262 -11.85 24.79 5.44
N LEU A 263 -11.34 25.07 4.23
CA LEU A 263 -10.99 24.08 3.21
C LEU A 263 -9.50 23.93 3.03
N CYS A 264 -8.66 24.56 3.87
CA CYS A 264 -7.23 24.42 3.64
C CYS A 264 -6.79 22.97 3.67
N GLY A 265 -7.52 22.09 4.36
CA GLY A 265 -7.11 20.70 4.44
C GLY A 265 -7.63 19.81 3.32
N SER A 266 -8.46 20.38 2.44
CA SER A 266 -9.15 19.62 1.43
C SER A 266 -8.18 19.29 0.31
N THR A 267 -8.24 18.07 -0.20
CA THR A 267 -7.52 17.68 -1.40
C THR A 267 -8.04 18.41 -2.64
N LEU A 268 -9.27 18.91 -2.55
CA LEU A 268 -9.96 19.47 -3.70
C LEU A 268 -9.86 21.01 -3.76
N ARG A 269 -9.24 21.64 -2.77
CA ARG A 269 -9.24 23.11 -2.69
C ARG A 269 -8.81 23.73 -4.02
N ALA A 270 -9.62 24.66 -4.53
CA ALA A 270 -9.31 25.34 -5.78
C ALA A 270 -8.07 26.23 -5.60
N PRO A 271 -7.19 26.34 -6.61
CA PRO A 271 -6.08 27.30 -6.53
C PRO A 271 -6.64 28.72 -6.61
N HIS A 272 -6.06 29.67 -5.88
CA HIS A 272 -6.34 31.10 -6.05
C HIS A 272 -6.24 31.48 -7.54
N SER A 273 -7.18 32.29 -8.02
CA SER A 273 -7.29 32.66 -9.42
C SER A 273 -5.98 33.22 -9.99
N CYS A 274 -5.16 33.93 -9.18
CA CYS A 274 -3.85 34.44 -9.59
C CYS A 274 -2.92 33.30 -10.02
N HIS A 275 -2.81 32.28 -9.18
CA HIS A 275 -1.98 31.11 -9.46
C HIS A 275 -2.51 30.33 -10.65
N ALA A 276 -3.84 30.19 -10.72
CA ALA A 276 -4.47 29.52 -11.85
C ALA A 276 -4.07 30.21 -13.16
N GLN A 277 -4.04 31.56 -13.13
CA GLN A 277 -3.61 32.37 -14.28
C GLN A 277 -2.11 32.16 -14.57
N TYR A 278 -1.31 32.13 -13.49
CA TYR A 278 0.12 31.89 -13.55
C TYR A 278 0.44 30.55 -14.22
N MET A 279 -0.32 29.50 -13.89
CA MET A 279 -0.09 28.17 -14.45
C MET A 279 -0.42 28.19 -15.95
N ALA A 280 -1.57 28.81 -16.27
CA ALA A 280 -2.01 29.01 -17.64
C ALA A 280 -0.88 29.65 -18.45
N ASN A 281 -0.31 30.74 -17.92
CA ASN A 281 0.73 31.48 -18.62
C ASN A 281 1.97 30.61 -18.86
N MET A 282 2.20 29.57 -18.04
CA MET A 282 3.45 28.81 -18.03
C MET A 282 3.30 27.48 -18.78
N ASP A 283 2.07 27.17 -19.24
CA ASP A 283 1.83 25.93 -19.95
C ASP A 283 1.78 24.73 -18.98
N SER A 284 1.76 25.00 -17.67
CA SER A 284 1.45 23.97 -16.68
C SER A 284 -0.06 23.95 -16.38
N ILE A 285 -0.78 23.12 -17.11
CA ILE A 285 -2.21 22.94 -16.94
C ILE A 285 -2.43 22.18 -15.63
N ALA A 286 -1.53 21.24 -15.31
CA ALA A 286 -1.69 20.42 -14.10
C ALA A 286 -0.43 20.51 -13.25
N SER A 287 -0.58 20.31 -11.93
CA SER A 287 0.59 20.24 -11.08
C SER A 287 0.33 19.33 -9.89
N LEU A 288 1.44 18.81 -9.34
CA LEU A 288 1.49 18.09 -8.08
C LEU A 288 2.68 18.61 -7.31
N VAL A 289 2.44 19.18 -6.11
CA VAL A 289 3.51 19.79 -5.33
C VAL A 289 3.64 19.10 -3.98
N MET A 290 4.86 18.67 -3.66
CA MET A 290 5.20 18.10 -2.37
C MET A 290 6.09 19.08 -1.59
N ALA A 291 5.64 19.45 -0.40
CA ALA A 291 6.48 20.19 0.53
C ALA A 291 7.68 19.36 1.01
N VAL A 292 8.82 20.04 1.13
CA VAL A 292 10.01 19.45 1.70
C VAL A 292 10.31 20.24 2.96
N VAL A 293 9.96 19.63 4.12
CA VAL A 293 10.12 20.28 5.42
C VAL A 293 11.26 19.61 6.18
N VAL A 294 12.32 20.36 6.46
CA VAL A 294 13.40 19.84 7.27
C VAL A 294 13.10 20.05 8.75
N ASN A 295 13.67 19.15 9.55
CA ASN A 295 13.45 19.11 11.00
C ASN A 295 11.96 19.03 11.28
N ASP A 296 11.26 18.14 10.57
CA ASP A 296 9.83 17.95 10.78
C ASP A 296 9.68 17.01 11.98
N ARG A 311 14.99 25.39 13.18
CA ARG A 311 13.91 24.43 13.57
C ARG A 311 13.30 23.91 12.28
N LYS A 312 12.00 23.57 12.35
CA LYS A 312 11.18 23.22 11.20
C LYS A 312 11.22 24.35 10.21
N ARG A 313 11.50 24.03 8.95
CA ARG A 313 11.22 25.02 7.93
C ARG A 313 11.02 24.35 6.59
N LEU A 314 10.34 25.10 5.74
CA LEU A 314 10.17 24.70 4.36
C LEU A 314 11.48 24.91 3.61
N TRP A 315 12.21 23.83 3.34
CA TRP A 315 13.44 23.88 2.58
C TRP A 315 13.12 24.23 1.13
N GLY A 316 12.00 23.69 0.64
CA GLY A 316 11.71 23.76 -0.78
C GLY A 316 10.50 22.90 -1.10
N LEU A 317 10.29 22.68 -2.41
CA LEU A 317 9.14 21.94 -2.94
C LEU A 317 9.67 21.04 -4.04
N VAL A 318 9.03 19.89 -4.16
CA VAL A 318 9.17 19.11 -5.38
C VAL A 318 7.94 19.42 -6.22
N VAL A 319 8.17 19.98 -7.40
CA VAL A 319 7.12 20.53 -8.23
C VAL A 319 7.02 19.70 -9.50
N CYS A 320 5.84 19.10 -9.74
CA CYS A 320 5.54 18.36 -10.94
C CYS A 320 4.56 19.19 -11.75
N HIS A 321 4.81 19.30 -13.06
CA HIS A 321 3.94 20.00 -13.99
C HIS A 321 3.57 19.07 -15.13
N ASN A 322 2.35 19.27 -15.63
CA ASN A 322 1.92 18.60 -16.84
C ASN A 322 1.35 19.64 -17.79
N THR A 323 1.55 19.37 -19.11
CA THR A 323 1.13 20.24 -20.20
C THR A 323 -0.38 20.10 -20.42
N THR A 324 -0.91 18.94 -20.05
CA THR A 324 -2.31 18.64 -20.19
C THR A 324 -2.84 18.30 -18.80
N PRO A 325 -4.17 18.28 -18.58
CA PRO A 325 -4.75 17.86 -17.31
C PRO A 325 -4.20 16.52 -16.85
N ARG A 326 -4.06 16.37 -15.52
CA ARG A 326 -3.54 15.12 -14.98
C ARG A 326 -4.10 14.92 -13.59
N PHE A 327 -4.60 13.71 -13.41
CA PHE A 327 -5.06 13.24 -12.12
C PHE A 327 -4.25 12.01 -11.73
N VAL A 328 -3.81 11.95 -10.46
CA VAL A 328 -3.30 10.70 -9.95
C VAL A 328 -4.04 10.41 -8.65
N PRO A 329 -4.30 9.12 -8.40
CA PRO A 329 -5.17 8.75 -7.30
C PRO A 329 -4.52 8.98 -5.95
N PHE A 330 -5.37 9.10 -4.92
CA PHE A 330 -4.93 9.38 -3.57
C PHE A 330 -3.86 8.39 -3.06
N PRO A 331 -3.93 7.06 -3.27
CA PRO A 331 -2.84 6.21 -2.78
C PRO A 331 -1.44 6.58 -3.25
N LEU A 332 -1.31 6.98 -4.52
CA LEU A 332 -0.01 7.36 -5.05
C LEU A 332 0.43 8.66 -4.35
N ARG A 333 -0.50 9.60 -4.15
CA ARG A 333 -0.16 10.86 -3.52
C ARG A 333 0.28 10.62 -2.08
N TYR A 334 -0.41 9.67 -1.45
CA TYR A 334 -0.07 9.28 -0.09
C TYR A 334 1.33 8.66 -0.02
N ALA A 335 1.63 7.73 -0.95
CA ALA A 335 2.97 7.17 -1.05
C ALA A 335 4.00 8.28 -1.31
N CYS A 336 3.62 9.30 -2.10
CA CYS A 336 4.57 10.36 -2.40
C CYS A 336 4.89 11.20 -1.17
N GLU A 337 3.91 11.31 -0.25
CA GLU A 337 4.11 12.05 0.97
C GLU A 337 5.27 11.48 1.80
N PHE A 338 5.35 10.14 1.86
CA PHE A 338 6.35 9.49 2.67
C PHE A 338 7.69 9.63 1.95
N LEU A 339 7.69 9.48 0.63
CA LEU A 339 8.93 9.65 -0.12
C LEU A 339 9.50 11.05 0.13
N ALA A 340 8.63 12.06 0.14
CA ALA A 340 9.06 13.42 0.36
C ALA A 340 9.59 13.61 1.80
N GLN A 341 8.99 12.94 2.78
CA GLN A 341 9.47 12.97 4.14
C GLN A 341 10.87 12.39 4.29
N VAL A 342 11.15 11.28 3.60
CA VAL A 342 12.47 10.66 3.64
C VAL A 342 13.47 11.57 2.93
N PHE A 343 13.08 12.10 1.75
CA PHE A 343 13.92 13.05 1.04
C PHE A 343 14.30 14.21 1.96
N ALA A 344 13.33 14.77 2.71
CA ALA A 344 13.62 15.91 3.58
C ALA A 344 14.66 15.53 4.65
N ILE A 345 14.59 14.31 5.20
CA ILE A 345 15.58 13.86 6.18
C ILE A 345 16.98 13.85 5.56
N HIS A 346 17.11 13.29 4.33
CA HIS A 346 18.39 13.26 3.66
C HIS A 346 18.87 14.65 3.26
N VAL A 347 17.94 15.52 2.87
CA VAL A 347 18.28 16.91 2.57
C VAL A 347 18.96 17.51 3.80
N ASN A 348 18.32 17.35 4.94
CA ASN A 348 18.80 18.00 6.15
C ASN A 348 20.14 17.44 6.61
N LYS A 349 20.40 16.15 6.36
CA LYS A 349 21.70 15.55 6.64
C LYS A 349 22.78 16.15 5.74
N GLU A 350 22.47 16.38 4.45
CA GLU A 350 23.44 16.99 3.56
C GLU A 350 23.73 18.42 3.98
N ILE A 351 22.73 19.12 4.52
CA ILE A 351 22.97 20.46 5.01
C ILE A 351 23.94 20.42 6.21
N GLU A 352 23.67 19.54 7.20
CA GLU A 352 24.50 19.34 8.40
C GLU A 352 25.94 19.02 8.05
N LEU A 353 26.13 18.15 7.05
CA LEU A 353 27.43 17.57 6.72
C LEU A 353 28.27 18.59 5.95
N HIS A 354 27.63 19.51 5.22
CA HIS A 354 28.33 20.63 4.57
C HIS A 354 28.42 21.83 5.50
N HIS A 355 27.66 21.83 6.61
CA HIS A 355 27.81 22.83 7.66
C HIS A 355 29.01 22.46 8.53
N HIS A 356 29.28 21.15 8.63
CA HIS A 356 30.35 20.57 9.46
C HIS A 356 31.70 20.76 8.78
N HIS A 357 31.79 20.32 7.51
CA HIS A 357 33.01 20.43 6.71
C HIS A 357 33.45 21.89 6.55
N HIS A 358 32.51 22.84 6.71
CA HIS A 358 32.83 24.27 6.80
C HIS A 358 32.63 24.75 8.24
N THR B 18 15.13 -35.17 -0.88
CA THR B 18 14.43 -34.27 -1.85
C THR B 18 13.60 -35.11 -2.81
N THR B 19 13.98 -36.39 -2.98
CA THR B 19 13.32 -37.31 -3.88
C THR B 19 11.80 -37.29 -3.64
N ALA B 20 11.36 -37.76 -2.47
CA ALA B 20 9.95 -37.99 -2.18
C ALA B 20 9.23 -36.69 -1.83
N TYR B 21 9.84 -35.89 -0.93
CA TYR B 21 9.25 -34.66 -0.43
C TYR B 21 8.77 -33.74 -1.56
N LEU B 22 9.61 -33.51 -2.59
CA LEU B 22 9.34 -32.53 -3.64
C LEU B 22 8.08 -32.91 -4.43
N HIS B 23 7.91 -34.22 -4.67
CA HIS B 23 6.76 -34.72 -5.41
C HIS B 23 5.47 -34.24 -4.76
N HIS B 24 5.32 -34.52 -3.46
CA HIS B 24 4.11 -34.24 -2.71
C HIS B 24 3.92 -32.74 -2.51
N MET B 25 5.02 -32.01 -2.25
CA MET B 25 4.95 -30.58 -1.93
C MET B 25 4.62 -29.77 -3.18
N GLN B 26 5.24 -30.13 -4.33
CA GLN B 26 4.99 -29.45 -5.59
C GLN B 26 3.55 -29.69 -6.05
N LYS B 27 3.04 -30.93 -5.93
CA LYS B 27 1.66 -31.18 -6.34
C LYS B 27 0.73 -30.31 -5.48
N GLY B 28 0.96 -30.25 -4.15
CA GLY B 28 0.21 -29.40 -3.24
C GLY B 28 -1.30 -29.70 -3.25
N LYS B 29 -1.68 -30.99 -3.22
CA LYS B 29 -3.07 -31.43 -3.29
C LYS B 29 -3.82 -31.25 -1.99
N MET B 30 -3.14 -30.85 -0.90
CA MET B 30 -3.85 -30.55 0.34
C MET B 30 -3.65 -29.08 0.68
N ILE B 31 -4.74 -28.40 1.05
CA ILE B 31 -4.62 -27.00 1.46
C ILE B 31 -5.15 -26.84 2.88
N GLN B 32 -4.81 -25.70 3.47
CA GLN B 32 -5.36 -25.27 4.75
C GLN B 32 -6.77 -24.76 4.58
N PRO B 33 -7.68 -24.99 5.54
CA PRO B 33 -9.07 -24.65 5.34
C PRO B 33 -9.43 -23.18 5.59
N PHE B 34 -8.46 -22.32 5.89
CA PHE B 34 -8.78 -20.91 6.09
C PHE B 34 -9.22 -20.28 4.77
N GLY B 35 -8.81 -20.85 3.63
CA GLY B 35 -9.20 -20.30 2.34
C GLY B 35 -9.59 -21.40 1.37
N CYS B 36 -9.91 -21.03 0.11
CA CYS B 36 -10.13 -22.07 -0.90
C CYS B 36 -9.39 -21.71 -2.20
N LEU B 37 -9.19 -22.69 -3.08
CA LEU B 37 -8.37 -22.57 -4.28
C LEU B 37 -9.21 -22.92 -5.51
N LEU B 38 -8.97 -22.16 -6.59
CA LEU B 38 -9.42 -22.54 -7.92
C LEU B 38 -8.22 -22.50 -8.84
N ALA B 39 -8.18 -23.43 -9.81
CA ALA B 39 -7.30 -23.29 -10.98
C ALA B 39 -8.13 -23.15 -12.25
N LEU B 40 -7.78 -22.17 -13.08
CA LEU B 40 -8.43 -21.91 -14.33
C LEU B 40 -7.45 -22.19 -15.50
N ASP B 41 -8.01 -22.74 -16.58
CA ASP B 41 -7.36 -22.92 -17.88
C ASP B 41 -7.23 -21.55 -18.52
N GLU B 42 -6.01 -21.13 -18.87
CA GLU B 42 -5.81 -19.85 -19.50
C GLU B 42 -6.65 -19.70 -20.77
N LYS B 43 -6.81 -20.80 -21.52
CA LYS B 43 -7.43 -20.77 -22.83
C LYS B 43 -8.93 -20.50 -22.75
N THR B 44 -9.63 -21.12 -21.78
CA THR B 44 -11.09 -21.09 -21.67
C THR B 44 -11.59 -20.25 -20.50
N CYS B 45 -10.72 -20.03 -19.49
CA CYS B 45 -11.09 -19.36 -18.26
C CYS B 45 -12.05 -20.17 -17.38
N LYS B 46 -12.14 -21.48 -17.60
CA LYS B 46 -13.02 -22.36 -16.82
C LYS B 46 -12.21 -23.10 -15.77
N VAL B 47 -12.88 -23.59 -14.75
CA VAL B 47 -12.29 -24.25 -13.61
C VAL B 47 -11.75 -25.59 -14.07
N ILE B 48 -10.47 -25.86 -13.75
CA ILE B 48 -9.87 -27.17 -14.00
C ILE B 48 -9.39 -27.84 -12.72
N ALA B 49 -9.46 -27.11 -11.59
CA ALA B 49 -9.20 -27.68 -10.29
C ALA B 49 -9.85 -26.81 -9.20
N TYR B 50 -10.25 -27.45 -8.11
CA TYR B 50 -10.83 -26.73 -6.98
C TYR B 50 -10.60 -27.52 -5.70
N SER B 51 -10.44 -26.77 -4.61
CA SER B 51 -10.43 -27.37 -3.30
C SER B 51 -11.85 -27.80 -2.95
N GLU B 52 -12.01 -28.84 -2.13
CA GLU B 52 -13.32 -29.38 -1.87
C GLU B 52 -14.20 -28.44 -1.03
N ASN B 53 -13.60 -27.45 -0.39
CA ASN B 53 -14.34 -26.46 0.37
C ASN B 53 -14.73 -25.26 -0.49
N ALA B 54 -14.31 -25.23 -1.78
CA ALA B 54 -14.62 -24.07 -2.61
C ALA B 54 -16.12 -23.93 -2.85
N PRO B 55 -16.88 -25.01 -3.10
CA PRO B 55 -18.32 -24.87 -3.28
C PRO B 55 -18.98 -24.18 -2.08
N GLU B 56 -18.65 -24.60 -0.86
CA GLU B 56 -19.26 -24.00 0.33
C GLU B 56 -18.82 -22.54 0.48
N MET B 57 -17.53 -22.25 0.25
CA MET B 57 -17.06 -20.90 0.50
C MET B 57 -17.56 -19.89 -0.53
N LEU B 58 -17.64 -20.28 -1.80
CA LEU B 58 -17.88 -19.33 -2.88
C LEU B 58 -19.32 -19.35 -3.40
N THR B 59 -20.12 -20.36 -3.07
CA THR B 59 -21.46 -20.43 -3.64
C THR B 59 -22.47 -20.64 -2.51
N MET B 60 -23.75 -20.64 -2.83
CA MET B 60 -24.73 -21.05 -1.82
C MET B 60 -25.61 -22.21 -2.33
N HIS B 71 -27.62 -22.41 -12.92
CA HIS B 71 -26.15 -22.62 -12.82
C HIS B 71 -25.89 -23.79 -11.86
N PRO B 72 -25.18 -24.86 -12.28
CA PRO B 72 -24.91 -26.00 -11.38
C PRO B 72 -23.89 -25.73 -10.28
N ALA B 73 -23.56 -26.78 -9.52
CA ALA B 73 -22.58 -26.65 -8.48
C ALA B 73 -21.27 -26.20 -9.14
N LEU B 74 -20.51 -25.32 -8.48
CA LEU B 74 -19.09 -25.20 -8.74
C LEU B 74 -18.47 -26.60 -8.95
N GLY B 75 -17.86 -26.82 -10.12
CA GLY B 75 -17.09 -28.02 -10.37
C GLY B 75 -16.15 -27.81 -11.55
N ILE B 76 -15.68 -28.92 -12.12
CA ILE B 76 -14.86 -28.85 -13.29
C ILE B 76 -15.69 -28.31 -14.44
N GLY B 77 -15.23 -27.27 -15.12
CA GLY B 77 -15.97 -26.74 -16.26
C GLY B 77 -16.74 -25.45 -15.92
N THR B 78 -16.88 -25.11 -14.64
CA THR B 78 -17.60 -23.92 -14.21
C THR B 78 -16.99 -22.63 -14.79
N ASP B 79 -17.89 -21.77 -15.24
CA ASP B 79 -17.60 -20.44 -15.73
C ASP B 79 -17.57 -19.51 -14.53
N ILE B 80 -16.51 -18.71 -14.36
CA ILE B 80 -16.40 -17.86 -13.16
C ILE B 80 -17.45 -16.73 -13.18
N LYS B 81 -18.10 -16.48 -14.31
CA LYS B 81 -19.16 -15.47 -14.39
C LYS B 81 -20.39 -15.91 -13.62
N THR B 82 -20.47 -17.20 -13.27
CA THR B 82 -21.57 -17.65 -12.41
C THR B 82 -21.17 -17.60 -10.94
N LEU B 83 -19.89 -17.37 -10.62
CA LEU B 83 -19.44 -17.43 -9.23
C LEU B 83 -19.29 -16.04 -8.61
N PHE B 84 -18.94 -15.04 -9.43
CA PHE B 84 -18.55 -13.75 -8.90
C PHE B 84 -19.37 -12.65 -9.54
N THR B 85 -19.44 -11.51 -8.90
CA THR B 85 -20.08 -10.36 -9.50
C THR B 85 -19.35 -9.98 -10.78
N ALA B 86 -20.01 -9.17 -11.61
CA ALA B 86 -19.44 -8.93 -12.93
C ALA B 86 -18.07 -8.26 -12.88
N PRO B 87 -17.84 -7.23 -12.04
CA PRO B 87 -16.52 -6.62 -12.03
C PRO B 87 -15.47 -7.56 -11.47
N SER B 88 -15.87 -8.40 -10.53
CA SER B 88 -14.94 -9.36 -9.95
C SER B 88 -14.52 -10.37 -11.01
N ALA B 89 -15.49 -10.93 -11.75
CA ALA B 89 -15.18 -11.96 -12.73
C ALA B 89 -14.33 -11.39 -13.86
N SER B 90 -14.62 -10.14 -14.24
CA SER B 90 -13.83 -9.46 -15.26
C SER B 90 -12.40 -9.23 -14.80
N ALA B 91 -12.20 -8.84 -13.52
CA ALA B 91 -10.86 -8.63 -13.01
C ALA B 91 -10.05 -9.94 -13.09
N LEU B 92 -10.66 -11.07 -12.76
CA LEU B 92 -9.89 -12.31 -12.82
C LEU B 92 -9.61 -12.69 -14.27
N GLN B 93 -10.59 -12.54 -15.14
CA GLN B 93 -10.38 -12.82 -16.55
C GLN B 93 -9.27 -11.95 -17.13
N LYS B 94 -9.20 -10.67 -16.77
CA LYS B 94 -8.13 -9.81 -17.25
C LYS B 94 -6.77 -10.29 -16.76
N ALA B 95 -6.70 -10.91 -15.58
CA ALA B 95 -5.43 -11.34 -15.02
C ALA B 95 -4.70 -12.34 -15.93
N LEU B 96 -5.45 -13.13 -16.71
CA LEU B 96 -4.86 -14.10 -17.65
C LEU B 96 -3.87 -13.47 -18.64
N GLY B 97 -4.01 -12.16 -18.92
CA GLY B 97 -3.17 -11.45 -19.87
C GLY B 97 -1.97 -10.74 -19.23
N PHE B 98 -1.61 -11.08 -17.99
CA PHE B 98 -0.42 -10.55 -17.35
C PHE B 98 0.60 -11.68 -17.12
N ALA B 99 1.87 -11.39 -17.48
CA ALA B 99 3.00 -12.20 -17.04
C ALA B 99 3.04 -12.24 -15.51
N GLU B 100 3.44 -13.39 -14.95
CA GLU B 100 3.53 -13.59 -13.51
C GLU B 100 4.05 -12.31 -12.83
N VAL B 101 5.17 -11.81 -13.34
CA VAL B 101 5.88 -10.71 -12.70
C VAL B 101 5.05 -9.43 -12.71
N LEU B 102 4.07 -9.29 -13.61
CA LEU B 102 3.23 -8.11 -13.73
C LEU B 102 1.88 -8.27 -13.01
N LEU B 103 1.63 -9.41 -12.35
CA LEU B 103 0.39 -9.55 -11.58
C LEU B 103 0.47 -8.67 -10.33
N LEU B 104 -0.52 -7.80 -10.14
CA LEU B 104 -0.66 -7.02 -8.92
C LEU B 104 -1.76 -7.68 -8.09
N ASN B 105 -1.33 -8.17 -6.93
CA ASN B 105 -2.23 -8.84 -5.99
C ASN B 105 -2.45 -7.93 -4.78
N PRO B 106 -3.50 -8.16 -3.96
CA PRO B 106 -4.56 -9.14 -4.27
C PRO B 106 -5.69 -8.50 -5.07
N VAL B 107 -6.64 -9.30 -5.63
CA VAL B 107 -7.87 -8.78 -6.21
C VAL B 107 -8.97 -8.93 -5.15
N LEU B 108 -9.78 -7.89 -4.88
CA LEU B 108 -10.90 -8.05 -3.96
C LEU B 108 -12.10 -8.46 -4.78
N ILE B 109 -12.60 -9.68 -4.56
CA ILE B 109 -13.76 -10.18 -5.29
C ILE B 109 -14.94 -10.30 -4.35
N HIS B 110 -16.13 -10.17 -4.91
CA HIS B 110 -17.38 -10.54 -4.29
C HIS B 110 -18.05 -11.72 -5.00
N CYS B 111 -18.51 -12.68 -4.18
CA CYS B 111 -19.32 -13.77 -4.67
C CYS B 111 -20.69 -13.27 -5.14
N LYS B 112 -21.16 -13.90 -6.23
CA LYS B 112 -22.31 -13.38 -6.94
C LYS B 112 -23.58 -13.53 -6.10
N THR B 113 -23.79 -14.72 -5.53
CA THR B 113 -25.02 -14.99 -4.80
C THR B 113 -24.99 -14.30 -3.42
N SER B 114 -23.98 -14.61 -2.62
CA SER B 114 -23.95 -14.17 -1.24
C SER B 114 -23.47 -12.73 -1.11
N GLY B 115 -22.70 -12.23 -2.07
CA GLY B 115 -21.99 -10.97 -1.93
C GLY B 115 -20.76 -11.06 -1.00
N LYS B 116 -20.38 -12.28 -0.59
CA LYS B 116 -19.31 -12.46 0.36
C LYS B 116 -17.98 -12.08 -0.27
N PRO B 117 -17.14 -11.28 0.44
CA PRO B 117 -15.86 -10.83 -0.08
C PRO B 117 -14.66 -11.70 0.29
N PHE B 118 -13.73 -11.78 -0.67
CA PHE B 118 -12.48 -12.49 -0.54
C PHE B 118 -11.37 -11.71 -1.26
N TYR B 119 -10.15 -11.86 -0.74
CA TYR B 119 -8.96 -11.48 -1.49
C TYR B 119 -8.58 -12.67 -2.34
N ALA B 120 -8.41 -12.45 -3.66
CA ALA B 120 -7.94 -13.46 -4.61
C ALA B 120 -6.49 -13.17 -4.91
N ILE B 121 -5.63 -14.14 -4.60
CA ILE B 121 -4.21 -14.00 -4.81
C ILE B 121 -3.83 -14.94 -5.95
N ILE B 122 -3.34 -14.38 -7.06
CA ILE B 122 -3.23 -15.06 -8.32
C ILE B 122 -1.76 -15.35 -8.56
N HIS B 123 -1.47 -16.57 -9.03
CA HIS B 123 -0.18 -16.86 -9.62
C HIS B 123 -0.39 -17.73 -10.86
N ARG B 124 0.70 -17.91 -11.64
CA ARG B 124 0.59 -18.64 -12.90
C ARG B 124 1.53 -19.82 -12.84
N VAL B 125 1.08 -20.93 -13.43
CA VAL B 125 1.97 -22.03 -13.77
C VAL B 125 1.63 -22.41 -15.21
N THR B 126 2.56 -22.09 -16.13
CA THR B 126 2.39 -22.21 -17.57
C THR B 126 0.98 -21.81 -17.93
N GLY B 127 0.22 -22.73 -18.54
CA GLY B 127 -1.09 -22.38 -19.07
C GLY B 127 -2.24 -22.46 -18.06
N SER B 128 -1.92 -22.53 -16.75
CA SER B 128 -2.94 -22.49 -15.70
C SER B 128 -2.80 -21.21 -14.87
N MET B 129 -3.95 -20.70 -14.40
CA MET B 129 -3.97 -19.59 -13.46
C MET B 129 -4.53 -20.11 -12.17
N ILE B 130 -3.75 -19.98 -11.11
CA ILE B 130 -4.12 -20.53 -9.83
C ILE B 130 -4.49 -19.38 -8.86
N ILE B 131 -5.66 -19.55 -8.21
CA ILE B 131 -6.24 -18.46 -7.43
C ILE B 131 -6.51 -18.98 -6.03
N ASP B 132 -5.86 -18.34 -5.05
CA ASP B 132 -6.19 -18.53 -3.66
C ASP B 132 -7.21 -17.48 -3.22
N PHE B 133 -8.22 -17.93 -2.48
CA PHE B 133 -9.24 -17.04 -1.97
C PHE B 133 -9.19 -17.04 -0.44
N GLU B 134 -8.95 -15.84 0.12
CA GLU B 134 -8.89 -15.65 1.57
C GLU B 134 -10.01 -14.72 2.00
N PRO B 135 -10.87 -15.11 2.96
CA PRO B 135 -12.01 -14.29 3.35
C PRO B 135 -11.60 -12.94 3.90
N VAL B 136 -12.43 -11.95 3.60
CA VAL B 136 -12.29 -10.60 4.12
C VAL B 136 -13.53 -10.33 4.96
N LYS B 137 -13.37 -9.67 6.09
CA LYS B 137 -14.52 -9.30 6.88
C LYS B 137 -15.27 -8.16 6.21
N PRO B 138 -16.60 -8.10 6.35
CA PRO B 138 -17.38 -7.06 5.68
C PRO B 138 -16.91 -5.64 5.99
N TYR B 139 -16.44 -5.35 7.22
CA TYR B 139 -15.99 -4.00 7.58
C TYR B 139 -14.58 -3.74 7.07
N GLU B 140 -13.89 -4.78 6.63
CA GLU B 140 -12.58 -4.58 6.05
C GLU B 140 -12.71 -4.07 4.62
N VAL B 141 -13.84 -4.29 3.96
CA VAL B 141 -13.95 -4.05 2.52
C VAL B 141 -13.76 -2.55 2.25
N PRO B 142 -14.48 -1.63 2.93
CA PRO B 142 -14.25 -0.21 2.71
C PRO B 142 -12.86 0.28 3.07
N MET B 143 -12.13 -0.46 3.92
CA MET B 143 -10.82 -0.04 4.35
C MET B 143 -9.72 -0.79 3.57
N THR B 144 -10.06 -1.39 2.43
CA THR B 144 -9.15 -2.24 1.70
C THR B 144 -7.87 -1.51 1.28
N ALA B 145 -8.01 -0.33 0.69
CA ALA B 145 -6.83 0.44 0.28
C ALA B 145 -6.16 1.05 1.51
N ALA B 146 -6.98 1.55 2.45
CA ALA B 146 -6.45 2.16 3.64
C ALA B 146 -5.58 1.19 4.40
N GLY B 147 -6.03 -0.06 4.58
CA GLY B 147 -5.25 -1.00 5.34
C GLY B 147 -3.99 -1.49 4.59
N ALA B 148 -4.08 -1.56 3.26
CA ALA B 148 -2.91 -1.89 2.46
C ALA B 148 -1.83 -0.80 2.59
N LEU B 149 -2.22 0.48 2.46
CA LEU B 149 -1.26 1.57 2.61
C LEU B 149 -0.62 1.56 4.00
N GLN B 150 -1.45 1.36 5.05
CA GLN B 150 -0.93 1.38 6.40
C GLN B 150 0.06 0.25 6.61
N SER B 151 -0.23 -0.97 6.11
CA SER B 151 0.70 -2.07 6.28
C SER B 151 2.04 -1.76 5.59
N TYR B 152 1.97 -1.21 4.38
CA TYR B 152 3.20 -0.92 3.64
C TYR B 152 3.92 0.27 4.26
N LYS B 153 3.18 1.26 4.77
CA LYS B 153 3.80 2.37 5.47
C LYS B 153 4.55 1.88 6.70
N LEU B 154 3.95 1.01 7.51
CA LEU B 154 4.66 0.49 8.66
C LEU B 154 5.92 -0.27 8.26
N ALA B 155 5.86 -1.07 7.18
CA ALA B 155 7.02 -1.82 6.73
C ALA B 155 8.09 -0.88 6.18
N ALA B 156 7.71 0.17 5.46
CA ALA B 156 8.67 1.16 4.95
C ALA B 156 9.35 1.88 6.11
N LYS B 157 8.63 2.23 7.17
CA LYS B 157 9.27 2.81 8.35
C LYS B 157 10.25 1.84 9.01
N ALA B 158 9.88 0.57 9.09
CA ALA B 158 10.83 -0.44 9.54
C ALA B 158 12.09 -0.45 8.67
N ILE B 159 11.94 -0.42 7.37
CA ILE B 159 13.08 -0.37 6.46
C ILE B 159 13.97 0.84 6.71
N THR B 160 13.39 2.03 6.94
CA THR B 160 14.23 3.19 7.24
C THR B 160 15.02 2.98 8.54
N ARG B 161 14.46 2.29 9.55
CA ARG B 161 15.20 2.01 10.77
C ARG B 161 16.30 0.97 10.54
N LEU B 162 16.09 -0.01 9.67
CA LEU B 162 17.17 -0.93 9.32
C LEU B 162 18.34 -0.19 8.67
N GLN B 163 18.01 0.75 7.77
CA GLN B 163 19.02 1.46 7.01
C GLN B 163 19.86 2.36 7.92
N SER B 164 19.25 2.96 8.94
CA SER B 164 19.98 3.91 9.74
C SER B 164 20.76 3.22 10.87
N LEU B 165 20.64 1.87 11.01
CA LEU B 165 21.50 1.13 11.93
C LEU B 165 22.97 1.33 11.57
N PRO B 166 23.87 1.72 12.51
CA PRO B 166 25.32 1.68 12.21
C PRO B 166 25.77 0.31 11.71
N SER B 167 26.62 0.26 10.68
CA SER B 167 27.11 -1.01 10.15
C SER B 167 27.98 -1.75 11.17
N GLY B 168 28.43 -2.96 10.83
CA GLY B 168 29.44 -3.65 11.61
C GLY B 168 28.93 -4.78 12.49
N SER B 169 27.62 -4.91 12.72
CA SER B 169 27.19 -5.94 13.66
C SER B 169 26.04 -6.76 13.09
N MET B 170 26.29 -8.03 12.76
CA MET B 170 25.24 -8.92 12.30
C MET B 170 24.18 -9.13 13.40
N GLU B 171 24.63 -9.15 14.66
CA GLU B 171 23.75 -9.37 15.77
C GLU B 171 22.74 -8.22 15.93
N ARG B 172 23.21 -6.98 15.87
CA ARG B 172 22.37 -5.83 16.03
C ARG B 172 21.39 -5.72 14.85
N LEU B 173 21.84 -6.08 13.64
CA LEU B 173 20.97 -6.10 12.47
C LEU B 173 19.83 -7.10 12.66
N CYS B 174 20.16 -8.33 13.03
CA CYS B 174 19.15 -9.37 13.19
C CYS B 174 18.22 -9.09 14.36
N ASP B 175 18.77 -8.52 15.44
CA ASP B 175 17.98 -8.14 16.59
C ASP B 175 16.93 -7.09 16.16
N THR B 176 17.35 -6.08 15.38
CA THR B 176 16.44 -5.04 14.95
C THR B 176 15.34 -5.64 14.07
N MET B 177 15.74 -6.51 13.15
CA MET B 177 14.81 -7.12 12.23
C MET B 177 13.76 -7.92 13.00
N VAL B 178 14.18 -8.78 13.95
CA VAL B 178 13.17 -9.56 14.66
C VAL B 178 12.23 -8.64 15.45
N GLN B 179 12.75 -7.60 16.11
CA GLN B 179 11.93 -6.59 16.79
C GLN B 179 10.90 -5.95 15.84
N GLU B 180 11.34 -5.58 14.63
CA GLU B 180 10.47 -4.91 13.66
C GLU B 180 9.38 -5.87 13.15
N VAL B 181 9.71 -7.15 12.98
CA VAL B 181 8.76 -8.11 12.48
C VAL B 181 7.75 -8.45 13.57
N PHE B 182 8.24 -8.56 14.82
CA PHE B 182 7.41 -8.77 15.99
C PHE B 182 6.33 -7.69 16.12
N GLU B 183 6.72 -6.41 15.98
CA GLU B 183 5.77 -5.31 16.07
C GLU B 183 4.81 -5.26 14.89
N LEU B 184 5.29 -5.56 13.68
CA LEU B 184 4.46 -5.48 12.49
C LEU B 184 3.45 -6.64 12.44
N THR B 185 3.82 -7.84 12.90
CA THR B 185 3.03 -9.03 12.62
C THR B 185 2.21 -9.49 13.82
N GLY B 186 2.59 -9.08 15.02
CA GLY B 186 1.86 -9.44 16.22
C GLY B 186 1.96 -10.92 16.64
N TYR B 187 2.95 -11.68 16.17
CA TYR B 187 3.14 -13.05 16.62
C TYR B 187 3.82 -13.09 17.99
N ASP B 188 3.67 -14.21 18.70
CA ASP B 188 4.16 -14.40 20.06
C ASP B 188 5.67 -14.46 20.11
N ARG B 189 6.29 -14.93 19.02
CA ARG B 189 7.72 -15.20 18.95
C ARG B 189 8.21 -14.89 17.53
N VAL B 190 9.35 -14.18 17.42
CA VAL B 190 10.04 -13.96 16.15
C VAL B 190 11.54 -14.25 16.32
N MET B 191 12.06 -15.08 15.42
CA MET B 191 13.42 -15.58 15.41
C MET B 191 14.06 -15.32 14.06
N ALA B 192 15.38 -15.06 14.09
CA ALA B 192 16.21 -15.12 12.91
C ALA B 192 16.95 -16.46 12.92
N TYR B 193 16.73 -17.23 11.87
CA TYR B 193 17.20 -18.62 11.80
C TYR B 193 18.20 -18.71 10.67
N LYS B 194 19.47 -18.90 11.03
CA LYS B 194 20.56 -18.86 10.07
C LYS B 194 20.99 -20.26 9.68
N PHE B 195 21.22 -20.50 8.38
CA PHE B 195 21.73 -21.78 7.90
C PHE B 195 23.26 -21.71 7.82
N HIS B 196 23.91 -22.65 8.49
CA HIS B 196 25.36 -22.84 8.42
C HIS B 196 25.71 -23.56 7.10
N GLU B 197 27.01 -23.62 6.82
CA GLU B 197 27.53 -24.25 5.61
C GLU B 197 27.12 -25.72 5.51
N ASP B 198 26.88 -26.42 6.63
CA ASP B 198 26.48 -27.83 6.59
C ASP B 198 24.94 -27.96 6.55
N ASP B 199 24.25 -26.82 6.40
CA ASP B 199 22.80 -26.78 6.28
C ASP B 199 22.07 -26.90 7.62
N HIS B 200 22.81 -26.98 8.75
CA HIS B 200 22.15 -27.05 10.03
C HIS B 200 21.81 -25.60 10.39
N GLY B 201 20.82 -25.42 11.28
CA GLY B 201 20.34 -24.09 11.61
C GLY B 201 20.73 -23.63 13.02
N GLU B 202 20.76 -22.30 13.20
CA GLU B 202 20.99 -21.70 14.49
C GLU B 202 20.08 -20.48 14.65
N VAL B 203 19.37 -20.39 15.76
CA VAL B 203 18.61 -19.19 16.10
C VAL B 203 19.58 -18.14 16.63
N ILE B 204 19.80 -17.09 15.84
CA ILE B 204 20.82 -16.11 16.18
C ILE B 204 20.20 -14.81 16.64
N ALA B 205 18.88 -14.67 16.62
CA ALA B 205 18.22 -13.52 17.21
C ALA B 205 16.79 -13.89 17.53
N GLU B 206 16.22 -13.27 18.58
CA GLU B 206 14.90 -13.68 19.04
C GLU B 206 14.25 -12.59 19.89
N ILE B 207 12.93 -12.42 19.71
CA ILE B 207 12.10 -11.67 20.62
C ILE B 207 10.82 -12.47 20.84
N THR B 208 10.33 -12.48 22.07
CA THR B 208 9.11 -13.18 22.42
C THR B 208 8.27 -12.31 23.37
N LYS B 209 6.98 -12.63 23.45
CA LYS B 209 6.18 -12.14 24.56
C LYS B 209 6.74 -12.71 25.86
N PRO B 210 6.58 -11.99 27.00
CA PRO B 210 7.09 -12.44 28.31
C PRO B 210 6.65 -13.86 28.66
N GLY B 211 7.58 -14.70 29.14
CA GLY B 211 7.22 -15.99 29.71
C GLY B 211 7.45 -17.18 28.78
N LEU B 212 7.68 -16.95 27.48
CA LEU B 212 7.89 -18.05 26.56
C LEU B 212 9.31 -18.59 26.74
N GLU B 213 9.44 -19.88 26.48
CA GLU B 213 10.74 -20.52 26.56
C GLU B 213 11.59 -20.02 25.39
N PRO B 214 12.82 -19.51 25.64
CA PRO B 214 13.69 -19.01 24.57
C PRO B 214 14.39 -20.12 23.79
N TYR B 215 14.55 -19.91 22.49
CA TYR B 215 15.38 -20.77 21.67
C TYR B 215 16.66 -20.06 21.21
N LEU B 216 16.86 -18.81 21.64
CA LEU B 216 18.07 -18.09 21.23
C LEU B 216 19.34 -18.91 21.49
N GLY B 217 20.18 -18.98 20.47
CA GLY B 217 21.47 -19.65 20.59
C GLY B 217 21.40 -21.14 20.27
N LEU B 218 20.20 -21.72 20.12
CA LEU B 218 20.12 -23.16 19.92
C LEU B 218 20.41 -23.54 18.48
N HIS B 219 20.97 -24.74 18.32
CA HIS B 219 21.33 -25.24 17.01
C HIS B 219 20.43 -26.41 16.71
N TYR B 220 20.06 -26.58 15.44
CA TYR B 220 19.12 -27.59 15.03
C TYR B 220 19.68 -28.35 13.83
N PRO B 221 19.35 -29.63 13.67
CA PRO B 221 19.88 -30.40 12.54
C PRO B 221 19.37 -29.90 11.20
N ALA B 222 20.17 -30.10 10.13
CA ALA B 222 19.75 -29.84 8.76
C ALA B 222 18.45 -30.56 8.41
N THR B 223 18.25 -31.79 8.89
CA THR B 223 17.08 -32.56 8.50
C THR B 223 15.77 -31.99 9.03
N ASP B 224 15.78 -31.09 10.04
CA ASP B 224 14.55 -30.46 10.50
C ASP B 224 13.90 -29.59 9.43
N ILE B 225 14.71 -29.07 8.50
CA ILE B 225 14.22 -28.34 7.34
C ILE B 225 14.79 -29.00 6.09
N PRO B 226 14.06 -29.96 5.52
CA PRO B 226 14.53 -30.68 4.33
C PRO B 226 14.84 -29.78 3.15
N GLN B 227 15.72 -30.26 2.27
CA GLN B 227 16.15 -29.50 1.11
C GLN B 227 14.94 -29.04 0.31
N ALA B 228 13.92 -29.90 0.23
CA ALA B 228 12.75 -29.58 -0.56
C ALA B 228 12.10 -28.29 -0.04
N SER B 229 12.03 -28.15 1.29
CA SER B 229 11.52 -26.93 1.92
C SER B 229 12.43 -25.72 1.60
N ARG B 230 13.74 -25.85 1.79
CA ARG B 230 14.70 -24.79 1.51
C ARG B 230 14.65 -24.36 0.03
N PHE B 231 14.53 -25.33 -0.89
CA PHE B 231 14.40 -25.03 -2.30
C PHE B 231 13.12 -24.22 -2.58
N LEU B 232 11.96 -24.60 -1.98
CA LEU B 232 10.72 -23.87 -2.23
C LEU B 232 10.75 -22.43 -1.70
N PHE B 233 11.48 -22.19 -0.62
CA PHE B 233 11.58 -20.84 -0.07
C PHE B 233 12.30 -19.88 -1.02
N MET B 234 13.16 -20.40 -1.91
CA MET B 234 13.78 -19.57 -2.95
C MET B 234 12.70 -18.87 -3.78
N LYS B 235 11.52 -19.48 -3.93
CA LYS B 235 10.50 -19.02 -4.87
C LYS B 235 9.28 -18.51 -4.12
N ASN B 236 8.81 -19.25 -3.11
CA ASN B 236 7.74 -18.77 -2.26
C ASN B 236 8.36 -18.13 -1.02
N LYS B 237 8.40 -16.80 -1.02
CA LYS B 237 9.23 -16.09 -0.06
C LYS B 237 8.55 -15.94 1.30
N VAL B 238 7.23 -16.06 1.39
CA VAL B 238 6.51 -15.87 2.63
C VAL B 238 5.51 -17.01 2.73
N ARG B 239 5.49 -17.73 3.87
CA ARG B 239 4.66 -18.94 3.99
C ARG B 239 3.91 -18.83 5.30
N MET B 240 2.58 -18.95 5.28
CA MET B 240 1.78 -18.82 6.50
C MET B 240 1.06 -20.14 6.79
N ILE B 241 1.09 -20.55 8.06
CA ILE B 241 0.26 -21.64 8.57
C ILE B 241 -0.59 -21.07 9.69
N VAL B 242 -1.90 -21.16 9.54
CA VAL B 242 -2.82 -20.53 10.47
C VAL B 242 -3.01 -21.38 11.72
N ASP B 243 -3.04 -22.71 11.57
CA ASP B 243 -3.43 -23.62 12.64
C ASP B 243 -2.96 -25.03 12.29
N CYS B 244 -1.87 -25.47 12.93
CA CYS B 244 -1.25 -26.74 12.56
C CYS B 244 -2.23 -27.90 12.81
N HIS B 245 -3.27 -27.70 13.61
CA HIS B 245 -4.22 -28.77 13.89
C HIS B 245 -5.39 -28.76 12.90
N ALA B 246 -5.48 -27.77 12.02
CA ALA B 246 -6.66 -27.67 11.18
C ALA B 246 -6.68 -28.82 10.18
N LYS B 247 -7.89 -29.28 9.87
CA LYS B 247 -8.07 -30.42 9.01
C LYS B 247 -7.87 -29.95 7.56
N HIS B 248 -6.93 -30.59 6.87
CA HIS B 248 -6.59 -30.25 5.50
C HIS B 248 -7.73 -30.55 4.54
N VAL B 249 -7.75 -29.84 3.43
CA VAL B 249 -8.79 -29.95 2.42
C VAL B 249 -8.12 -30.38 1.11
N ARG B 250 -8.75 -31.36 0.42
CA ARG B 250 -8.20 -31.87 -0.84
C ARG B 250 -8.55 -30.95 -1.99
N VAL B 251 -7.63 -30.88 -2.96
CA VAL B 251 -7.91 -30.26 -4.24
C VAL B 251 -8.18 -31.36 -5.26
N LEU B 252 -9.29 -31.20 -5.98
CA LEU B 252 -9.68 -32.08 -7.07
C LEU B 252 -9.31 -31.42 -8.39
N GLN B 253 -8.78 -32.21 -9.32
CA GLN B 253 -8.49 -31.65 -10.64
C GLN B 253 -9.28 -32.40 -11.71
N ASP B 254 -9.35 -31.77 -12.88
CA ASP B 254 -10.01 -32.29 -14.06
C ASP B 254 -9.43 -33.68 -14.37
N GLU B 255 -10.31 -34.69 -14.33
CA GLU B 255 -10.00 -36.07 -14.68
C GLU B 255 -9.36 -36.16 -16.06
N LYS B 256 -9.57 -35.20 -16.93
CA LYS B 256 -9.03 -35.32 -18.28
C LYS B 256 -7.52 -35.08 -18.26
N LEU B 257 -6.98 -34.43 -17.22
CA LEU B 257 -5.57 -34.05 -17.26
C LEU B 257 -4.74 -35.31 -17.10
N PRO B 258 -3.75 -35.58 -17.99
CA PRO B 258 -2.89 -36.75 -17.83
C PRO B 258 -1.64 -36.57 -16.96
N PHE B 259 -1.59 -35.46 -16.22
CA PHE B 259 -0.53 -35.11 -15.29
C PHE B 259 -1.15 -34.37 -14.13
N ASP B 260 -0.41 -34.25 -13.03
CA ASP B 260 -0.89 -33.45 -11.90
C ASP B 260 -0.50 -31.99 -12.06
N LEU B 261 -1.41 -31.07 -11.73
CA LEU B 261 -1.06 -29.66 -11.67
C LEU B 261 -0.07 -29.43 -10.52
N THR B 262 0.77 -28.41 -10.67
CA THR B 262 1.63 -27.96 -9.59
C THR B 262 0.88 -26.86 -8.82
N LEU B 263 0.56 -27.11 -7.54
CA LEU B 263 -0.15 -26.15 -6.69
C LEU B 263 0.72 -25.65 -5.54
N CYS B 264 2.04 -25.93 -5.58
CA CYS B 264 2.90 -25.52 -4.49
C CYS B 264 3.14 -24.01 -4.43
N GLY B 265 2.74 -23.25 -5.43
CA GLY B 265 2.77 -21.79 -5.34
C GLY B 265 1.63 -21.20 -4.48
N SER B 266 0.70 -22.05 -4.04
CA SER B 266 -0.47 -21.57 -3.33
C SER B 266 -0.09 -21.02 -1.96
N THR B 267 -0.73 -19.91 -1.58
CA THR B 267 -0.62 -19.40 -0.22
C THR B 267 -1.28 -20.33 0.82
N LEU B 268 -2.14 -21.25 0.36
CA LEU B 268 -2.91 -22.08 1.25
C LEU B 268 -2.29 -23.46 1.46
N ARG B 269 -1.15 -23.73 0.85
CA ARG B 269 -0.65 -25.10 0.85
C ARG B 269 -0.51 -25.61 2.28
N ALA B 270 -1.02 -26.83 2.50
CA ALA B 270 -1.03 -27.44 3.82
C ALA B 270 0.37 -27.93 4.15
N PRO B 271 0.79 -27.81 5.42
CA PRO B 271 2.06 -28.38 5.84
C PRO B 271 2.03 -29.90 5.77
N HIS B 272 3.14 -30.50 5.37
CA HIS B 272 3.34 -31.96 5.47
C HIS B 272 3.05 -32.38 6.91
N SER B 273 2.51 -33.59 7.09
CA SER B 273 2.05 -34.00 8.42
C SER B 273 3.21 -34.16 9.40
N CYS B 274 4.42 -34.48 8.91
CA CYS B 274 5.60 -34.44 9.77
C CYS B 274 5.80 -33.01 10.33
N HIS B 275 5.76 -32.00 9.46
CA HIS B 275 5.94 -30.63 9.93
C HIS B 275 4.80 -30.23 10.88
N ALA B 276 3.56 -30.64 10.57
CA ALA B 276 2.42 -30.27 11.39
C ALA B 276 2.57 -30.81 12.83
N GLN B 277 3.20 -32.00 12.93
CA GLN B 277 3.41 -32.70 14.19
C GLN B 277 4.50 -31.98 14.99
N TYR B 278 5.55 -31.58 14.29
CA TYR B 278 6.67 -30.82 14.84
C TYR B 278 6.17 -29.52 15.48
N MET B 279 5.26 -28.81 14.78
CA MET B 279 4.72 -27.57 15.28
C MET B 279 3.90 -27.86 16.54
N ALA B 280 3.01 -28.86 16.44
CA ALA B 280 2.16 -29.23 17.56
C ALA B 280 3.03 -29.59 18.77
N ASN B 281 4.12 -30.34 18.51
CA ASN B 281 5.07 -30.73 19.54
C ASN B 281 5.58 -29.49 20.25
N MET B 282 5.94 -28.48 19.46
CA MET B 282 6.62 -27.27 19.89
C MET B 282 5.63 -26.28 20.50
N ASP B 283 4.33 -26.57 20.40
CA ASP B 283 3.28 -25.62 20.75
C ASP B 283 3.38 -24.32 19.94
N SER B 284 3.95 -24.38 18.73
CA SER B 284 3.72 -23.37 17.73
C SER B 284 2.53 -23.80 16.87
N ILE B 285 1.35 -23.29 17.23
CA ILE B 285 0.13 -23.60 16.51
C ILE B 285 0.11 -22.88 15.14
N ALA B 286 0.60 -21.64 15.10
CA ALA B 286 0.59 -20.83 13.89
C ALA B 286 2.01 -20.40 13.58
N SER B 287 2.31 -20.15 12.30
CA SER B 287 3.60 -19.65 11.93
C SER B 287 3.49 -18.78 10.68
N LEU B 288 4.48 -17.90 10.54
CA LEU B 288 4.70 -17.09 9.36
C LEU B 288 6.21 -17.06 9.14
N VAL B 289 6.65 -17.56 7.98
CA VAL B 289 8.08 -17.69 7.70
C VAL B 289 8.45 -16.90 6.45
N MET B 290 9.46 -16.04 6.58
CA MET B 290 10.00 -15.28 5.47
C MET B 290 11.39 -15.79 5.10
N ALA B 291 11.55 -16.14 3.83
CA ALA B 291 12.84 -16.46 3.25
C ALA B 291 13.76 -15.23 3.24
N VAL B 292 15.05 -15.48 3.54
CA VAL B 292 16.08 -14.45 3.48
C VAL B 292 17.08 -14.92 2.45
N VAL B 293 16.93 -14.40 1.22
CA VAL B 293 17.77 -14.85 0.10
C VAL B 293 18.78 -13.76 -0.21
N VAL B 294 20.07 -14.04 -0.02
CA VAL B 294 21.12 -13.10 -0.34
C VAL B 294 21.48 -13.23 -1.83
N ASN B 295 21.98 -12.12 -2.41
CA ASN B 295 22.26 -12.03 -3.84
C ASN B 295 21.06 -12.48 -4.67
N ASP B 296 19.88 -11.87 -4.42
CA ASP B 296 18.63 -12.24 -5.09
C ASP B 296 18.37 -11.31 -6.28
N ARG B 311 26.28 -17.07 -6.06
CA ARG B 311 26.20 -16.29 -4.80
C ARG B 311 24.77 -16.31 -4.24
N LYS B 312 23.75 -16.60 -5.08
CA LYS B 312 22.35 -16.60 -4.68
C LYS B 312 22.02 -17.80 -3.78
N ARG B 313 21.68 -17.53 -2.52
CA ARG B 313 21.45 -18.63 -1.62
C ARG B 313 20.55 -18.19 -0.47
N LEU B 314 19.98 -19.20 0.15
CA LEU B 314 19.10 -19.00 1.28
C LEU B 314 19.95 -18.89 2.54
N TRP B 315 20.16 -17.65 2.96
CA TRP B 315 20.92 -17.34 4.16
C TRP B 315 20.24 -17.90 5.40
N GLY B 316 18.90 -17.86 5.38
CA GLY B 316 18.15 -18.16 6.60
C GLY B 316 16.68 -17.80 6.43
N LEU B 317 16.00 -17.70 7.56
CA LEU B 317 14.55 -17.53 7.61
C LEU B 317 14.27 -16.58 8.75
N VAL B 318 13.26 -15.73 8.59
CA VAL B 318 12.67 -15.09 9.75
C VAL B 318 11.42 -15.89 10.09
N VAL B 319 11.41 -16.45 11.29
CA VAL B 319 10.41 -17.43 11.67
C VAL B 319 9.56 -16.80 12.76
N CYS B 320 8.25 -16.65 12.49
CA CYS B 320 7.33 -16.17 13.50
C CYS B 320 6.47 -17.34 13.97
N HIS B 321 6.24 -17.45 15.27
CA HIS B 321 5.35 -18.45 15.82
C HIS B 321 4.32 -17.79 16.71
N ASN B 322 3.17 -18.44 16.80
CA ASN B 322 2.13 -18.07 17.72
C ASN B 322 1.65 -19.33 18.45
N THR B 323 1.34 -19.12 19.71
CA THR B 323 0.86 -20.18 20.60
C THR B 323 -0.55 -20.60 20.21
N THR B 324 -1.35 -19.67 19.67
CA THR B 324 -2.72 -19.96 19.28
C THR B 324 -2.84 -19.69 17.78
N PRO B 325 -3.93 -20.08 17.10
CA PRO B 325 -4.06 -19.81 15.68
C PRO B 325 -3.93 -18.32 15.37
N ARG B 326 -3.40 -18.01 14.17
CA ARG B 326 -3.23 -16.63 13.76
C ARG B 326 -3.29 -16.59 12.24
N PHE B 327 -4.07 -15.62 11.77
CA PHE B 327 -4.17 -15.27 10.35
C PHE B 327 -3.73 -13.81 10.24
N VAL B 328 -2.90 -13.47 9.26
CA VAL B 328 -2.70 -12.08 8.90
C VAL B 328 -3.02 -11.94 7.41
N PRO B 329 -3.66 -10.83 7.00
CA PRO B 329 -4.12 -10.72 5.62
C PRO B 329 -2.98 -10.51 4.63
N PHE B 330 -3.27 -10.82 3.36
CA PHE B 330 -2.29 -10.81 2.31
C PHE B 330 -1.53 -9.48 2.24
N PRO B 331 -2.16 -8.29 2.31
CA PRO B 331 -1.39 -7.05 2.16
C PRO B 331 -0.24 -6.93 3.14
N LEU B 332 -0.48 -7.33 4.41
CA LEU B 332 0.63 -7.33 5.37
C LEU B 332 1.74 -8.32 5.02
N ARG B 333 1.39 -9.53 4.58
CA ARG B 333 2.39 -10.50 4.16
C ARG B 333 3.18 -9.96 2.98
N TYR B 334 2.51 -9.25 2.07
CA TYR B 334 3.17 -8.68 0.92
C TYR B 334 4.20 -7.63 1.36
N ALA B 335 3.78 -6.77 2.26
CA ALA B 335 4.67 -5.76 2.79
C ALA B 335 5.83 -6.44 3.51
N CYS B 336 5.57 -7.58 4.19
CA CYS B 336 6.65 -8.28 4.90
C CYS B 336 7.68 -8.82 3.92
N GLU B 337 7.22 -9.15 2.72
CA GLU B 337 8.09 -9.70 1.73
C GLU B 337 9.15 -8.64 1.37
N PHE B 338 8.73 -7.38 1.21
CA PHE B 338 9.69 -6.37 0.82
C PHE B 338 10.66 -6.09 1.99
N LEU B 339 10.15 -6.05 3.23
CA LEU B 339 10.99 -5.91 4.42
C LEU B 339 12.06 -6.99 4.43
N ALA B 340 11.68 -8.25 4.13
CA ALA B 340 12.64 -9.34 4.14
C ALA B 340 13.66 -9.16 3.02
N GLN B 341 13.24 -8.61 1.86
CA GLN B 341 14.18 -8.41 0.78
C GLN B 341 15.24 -7.39 1.13
N VAL B 342 14.82 -6.30 1.81
CA VAL B 342 15.72 -5.27 2.22
C VAL B 342 16.68 -5.82 3.28
N PHE B 343 16.12 -6.59 4.21
CA PHE B 343 16.90 -7.21 5.27
C PHE B 343 18.01 -8.06 4.65
N ALA B 344 17.66 -8.81 3.60
CA ALA B 344 18.61 -9.71 2.96
C ALA B 344 19.78 -8.92 2.35
N ILE B 345 19.48 -7.73 1.81
CA ILE B 345 20.53 -6.88 1.27
C ILE B 345 21.47 -6.44 2.38
N HIS B 346 20.92 -6.02 3.52
CA HIS B 346 21.75 -5.60 4.65
C HIS B 346 22.54 -6.77 5.25
N VAL B 347 21.96 -7.97 5.30
CA VAL B 347 22.66 -9.15 5.78
C VAL B 347 23.91 -9.36 4.92
N ASN B 348 23.75 -9.34 3.61
CA ASN B 348 24.86 -9.60 2.70
C ASN B 348 25.93 -8.49 2.79
N LYS B 349 25.53 -7.23 3.06
CA LYS B 349 26.50 -6.17 3.34
C LYS B 349 27.30 -6.49 4.60
N GLU B 350 26.62 -6.92 5.67
CA GLU B 350 27.30 -7.26 6.90
C GLU B 350 28.24 -8.45 6.67
N ILE B 351 27.86 -9.39 5.80
CA ILE B 351 28.74 -10.50 5.47
C ILE B 351 30.01 -9.96 4.82
N GLU B 352 29.85 -9.02 3.87
CA GLU B 352 30.96 -8.47 3.09
C GLU B 352 31.87 -7.56 3.91
N LEU B 353 31.30 -6.73 4.80
CA LEU B 353 32.06 -5.96 5.77
C LEU B 353 32.93 -6.87 6.63
N HIS B 354 32.43 -8.08 6.92
CA HIS B 354 33.06 -9.02 7.85
C HIS B 354 34.17 -9.81 7.16
N HIS B 355 33.97 -10.20 5.89
CA HIS B 355 34.98 -10.87 5.08
C HIS B 355 36.08 -9.89 4.67
N HIS B 356 35.89 -8.59 4.97
CA HIS B 356 36.87 -7.55 4.69
C HIS B 356 37.84 -7.44 5.88
N HIS B 357 37.36 -7.79 7.08
CA HIS B 357 38.20 -7.91 8.28
C HIS B 357 38.78 -9.33 8.34
CAH O6E C . -0.91 38.38 -7.50
CAC O6E C . -0.68 36.85 -7.63
CBJ O6E C . 0.73 36.35 -7.25
CBD O6E C . 1.81 36.60 -8.33
CAT O6E C . 2.94 37.55 -7.96
CAX O6E C . 2.27 35.20 -8.72
OBQ O6E C . 3.03 34.94 -9.64
NBP O6E C . 1.69 34.28 -7.90
CBN O6E C . 0.81 34.87 -6.99
CAQ O6E C . 0.09 34.22 -5.99
CAY O6E C . 0.09 32.85 -5.57
NAN O6E C . 0.97 31.84 -5.90
CBE O6E C . -0.90 32.26 -4.71
CAU O6E C . -2.07 32.97 -4.11
CBK O6E C . -0.57 30.94 -4.54
CAD O6E C . -1.33 29.92 -3.74
CAI O6E C . -2.17 29.03 -4.65
CAM O6E C . -3.19 28.25 -3.86
OBG O6E C . -4.39 28.61 -3.90
OBA O6E C . -2.77 27.32 -3.15
CBO O6E C . 0.63 30.65 -5.27
CAO O6E C . 1.25 29.40 -5.33
CAV O6E C . 2.34 28.96 -6.09
NAE O6E C . 3.07 29.70 -6.98
CBB O6E C . 2.82 27.58 -6.05
CAA O6E C . 2.18 26.46 -5.28
CAF O6E C . 0.82 26.13 -5.88
CAL O6E C . 0.26 24.78 -5.47
OBF O6E C . 0.40 23.82 -6.24
OAZ O6E C . -0.36 24.74 -4.39
CBH O6E C . 3.92 27.54 -6.85
CAR O6E C . 4.81 26.32 -7.00
CBL O6E C . 4.07 28.86 -7.44
CAP O6E C . 5.10 29.26 -8.28
CAW O6E C . 5.95 28.52 -9.04
CBC O6E C . 7.26 28.96 -9.56
CAS O6E C . 8.02 30.22 -9.24
NAJ O6E C . 5.66 27.28 -9.58
CBM O6E C . 6.62 26.93 -10.52
OAK O6E C . 6.57 25.96 -11.22
CBI O6E C . 7.71 27.95 -10.47
CAB O6E C . 8.93 27.94 -11.19
CAG O6E C . 9.29 27.13 -12.15
O1 PG4 D . -13.92 7.99 -12.79
C1 PG4 D . -12.48 8.05 -12.84
C2 PG4 D . -12.00 9.49 -12.75
O2 PG4 D . -10.91 9.65 -11.85
C3 PG4 D . -10.93 10.89 -11.14
C4 PG4 D . -10.10 11.95 -11.80
O3 PG4 D . -10.87 12.72 -12.72
C5 PG4 D . -10.29 13.95 -13.11
C6 PG4 D . -9.17 13.70 -14.08
O4 PG4 D . -9.46 14.28 -15.35
C7 PG4 D . -8.30 14.40 -16.17
C8 PG4 D . -7.89 13.06 -16.67
O5 PG4 D . -6.64 12.69 -16.14
CAH O6E E . 10.14 -36.77 9.26
CAC O6E E . 9.80 -35.29 9.10
CBJ O6E E . 11.00 -34.35 9.24
CBD O6E E . 11.60 -34.24 10.66
CAT O6E E . 13.06 -34.68 10.77
CAX O6E E . 11.33 -32.80 11.08
OBQ O6E E . 11.49 -32.33 12.19
NBP O6E E . 10.83 -32.11 10.01
CBN O6E E . 10.69 -32.91 8.88
CAQ O6E E . 10.24 -32.49 7.66
CAY O6E E . 9.90 -31.18 7.25
NAN O6E E . 10.15 -29.97 7.88
CBE O6E E . 9.12 -30.90 6.09
CAU O6E E . 8.60 -31.92 5.12
CBK O6E E . 8.99 -29.54 5.99
CAD O6E E . 8.24 -28.81 4.91
CAI O6E E . 6.81 -28.57 5.37
CAM O6E E . 5.97 -27.92 4.31
OBG O6E E . 4.87 -28.44 4.03
OBA O6E E . 6.44 -26.91 3.73
CBO O6E E . 9.64 -28.93 7.13
CAO O6E E . 9.70 -27.55 7.36
CAV O6E E . 10.22 -26.79 8.44
NAE O6E E . 10.74 -27.27 9.60
CBB O6E E . 10.15 -25.34 8.48
CAA O6E E . 9.47 -24.49 7.44
CAF O6E E . 7.95 -24.65 7.57
CAL O6E E . 7.13 -23.52 6.97
OBF O6E E . 7.02 -23.48 5.73
OAZ O6E E . 6.58 -22.70 7.73
CBH O6E E . 10.70 -24.96 9.65
CAR O6E E . 10.84 -23.52 10.09
CBL O6E E . 11.11 -26.18 10.35
CAP O6E E . 11.77 -26.27 11.55
CAW O6E E . 11.94 -25.33 12.51
CBC O6E E . 13.09 -25.27 13.37
CAS O6E E . 14.34 -26.10 13.25
NAJ O6E E . 11.01 -24.39 12.94
CBM O6E E . 11.46 -23.77 14.09
OAK O6E E . 10.86 -22.90 14.72
CBI O6E E . 12.80 -24.34 14.42
CAB O6E E . 13.58 -24.03 15.54
CAG O6E E . 13.28 -23.22 16.50
#